data_5QK1
#
_entry.id   5QK1
#
_cell.length_a   49.295
_cell.length_b   59.894
_cell.length_c   80.357
_cell.angle_alpha   79.210
_cell.angle_beta   81.580
_cell.angle_gamma   75.630
#
_symmetry.space_group_name_H-M   'P 1'
#
loop_
_entity.id
_entity.type
_entity.pdbx_description
1 polymer 'ADP-sugar pyrophosphatase'
2 non-polymer 'MAGNESIUM ION'
3 non-polymer 'CHLORIDE ION'
4 non-polymer 5-(1,3-thiazol-2-yl)-1H-1,2,4-triazole
5 non-polymer 1,2-ETHANEDIOL
6 water water
#
_entity_poly.entity_id   1
_entity_poly.type   'polypeptide(L)'
_entity_poly.pdbx_seq_one_letter_code
;SMESQEPTESSQNGKQYIISEELISEGKWVKLEKTTYMDPTGKTRTWESVKRTTRKEQTADGVAVIPVLQRTLHYECIVL
VKQFRPPMGGYCIEFPAGLIDDGETPEAAALRELEEETGYKGDIAECSPAVCMDPGLSNCTIHIVTVTINGDDAENARPK
PKPGDGEFVEVISLPKNDLLQRLDALVAEEHLTVDARVYSYALALKHAN
;
_entity_poly.pdbx_strand_id   A,B,C,D
#
# COMPACT_ATOMS: atom_id res chain seq x y z
N LYS A 15 -17.58 -17.86 39.78
CA LYS A 15 -17.97 -17.09 41.00
C LYS A 15 -19.17 -16.14 40.70
N GLN A 16 -19.14 -15.41 39.57
CA GLN A 16 -20.16 -14.34 39.35
C GLN A 16 -21.26 -14.77 38.45
N TYR A 17 -22.43 -14.19 38.68
CA TYR A 17 -23.63 -14.57 37.91
C TYR A 17 -24.67 -13.49 38.01
N ILE A 18 -25.64 -13.60 37.11
CA ILE A 18 -26.77 -12.72 37.08
C ILE A 18 -27.78 -13.17 38.11
N ILE A 19 -28.23 -12.19 38.87
CA ILE A 19 -29.41 -12.32 39.78
C ILE A 19 -30.75 -11.93 39.19
N SER A 20 -30.84 -10.75 38.59
CA SER A 20 -32.04 -10.31 37.97
C SER A 20 -31.77 -9.35 36.81
N GLU A 21 -32.73 -9.23 35.90
CA GLU A 21 -32.62 -8.25 34.80
C GLU A 21 -33.98 -7.54 34.73
N GLU A 22 -34.01 -6.26 35.04
CA GLU A 22 -35.21 -5.43 35.13
C GLU A 22 -35.26 -4.51 33.97
N LEU A 23 -36.36 -4.55 33.19
CA LEU A 23 -36.50 -3.66 32.06
C LEU A 23 -36.59 -2.23 32.54
N ILE A 24 -35.79 -1.33 31.99
CA ILE A 24 -35.90 0.11 32.22
C ILE A 24 -36.69 0.78 31.09
N SER A 25 -36.31 0.55 29.83
CA SER A 25 -36.99 1.18 28.71
C SER A 25 -36.82 0.34 27.49
N GLU A 26 -37.88 0.08 26.73
CA GLU A 26 -37.87 -0.83 25.60
C GLU A 26 -38.37 -0.07 24.38
N GLY A 27 -37.43 0.24 23.48
CA GLY A 27 -37.76 0.81 22.21
C GLY A 27 -38.22 -0.29 21.27
N LYS A 28 -38.32 0.09 20.01
CA LYS A 28 -38.68 -0.85 18.94
C LYS A 28 -37.55 -1.86 18.66
N TRP A 29 -36.31 -1.36 18.71
CA TRP A 29 -35.10 -2.09 18.28
C TRP A 29 -34.09 -2.36 19.40
N VAL A 30 -34.08 -1.53 20.44
CA VAL A 30 -33.08 -1.55 21.52
C VAL A 30 -33.86 -1.37 22.86
N LYS A 31 -33.38 -2.06 23.90
CA LYS A 31 -33.85 -1.85 25.26
C LYS A 31 -32.68 -1.64 26.27
N LEU A 32 -32.97 -0.97 27.36
CA LEU A 32 -32.07 -0.78 28.44
C LEU A 32 -32.57 -1.55 29.67
N GLU A 33 -31.68 -2.25 30.32
CA GLU A 33 -32.00 -3.02 31.51
C GLU A 33 -31.12 -2.68 32.67
N LYS A 34 -31.67 -2.82 33.89
CA LYS A 34 -30.89 -2.81 35.13
C LYS A 34 -30.54 -4.24 35.49
N THR A 35 -29.26 -4.52 35.52
CA THR A 35 -28.78 -5.86 35.73
C THR A 35 -28.32 -5.94 37.14
N THR A 36 -28.80 -6.92 37.89
CA THR A 36 -28.26 -7.19 39.21
C THR A 36 -27.47 -8.46 39.13
N TYR A 37 -26.25 -8.40 39.65
CA TYR A 37 -25.36 -9.54 39.69
C TYR A 37 -24.59 -9.74 41.02
N MET A 38 -24.04 -10.93 41.17
CA MET A 38 -23.24 -11.29 42.33
C MET A 38 -21.76 -11.08 41.99
N ASP A 39 -21.09 -10.21 42.75
CA ASP A 39 -19.65 -10.00 42.54
C ASP A 39 -18.86 -11.14 43.19
N PRO A 40 -17.57 -11.24 42.89
CA PRO A 40 -16.88 -12.39 43.44
C PRO A 40 -16.50 -12.29 44.93
N THR A 41 -16.63 -11.10 45.55
CA THR A 41 -16.57 -10.98 47.04
C THR A 41 -17.85 -11.52 47.71
N GLY A 42 -18.85 -11.93 46.93
CA GLY A 42 -20.19 -12.32 47.45
C GLY A 42 -21.17 -11.15 47.66
N LYS A 43 -20.80 -9.96 47.24
CA LYS A 43 -21.64 -8.77 47.28
C LYS A 43 -22.48 -8.57 45.97
N THR A 44 -23.76 -8.20 46.15
CA THR A 44 -24.74 -7.83 45.10
C THR A 44 -24.33 -6.43 44.46
N ARG A 45 -24.23 -6.34 43.12
CA ARG A 45 -24.03 -5.06 42.44
C ARG A 45 -24.99 -4.93 41.24
N THR A 46 -25.10 -3.71 40.73
CA THR A 46 -25.90 -3.46 39.53
C THR A 46 -25.06 -2.89 38.37
N TRP A 47 -25.65 -3.00 37.20
CA TRP A 47 -25.04 -2.56 35.94
C TRP A 47 -26.18 -2.09 35.04
N GLU A 48 -25.92 -1.11 34.20
CA GLU A 48 -26.85 -0.72 33.14
C GLU A 48 -26.46 -1.40 31.82
N SER A 49 -27.36 -2.19 31.28
CA SER A 49 -27.14 -3.11 30.17
C SER A 49 -28.03 -2.77 29.02
N VAL A 50 -27.45 -2.81 27.81
CA VAL A 50 -28.14 -2.63 26.57
C VAL A 50 -28.33 -3.98 25.91
N LYS A 51 -29.50 -4.21 25.35
CA LYS A 51 -29.77 -5.32 24.51
C LYS A 51 -30.61 -4.98 23.28
N ARG A 52 -30.49 -5.75 22.19
CA ARG A 52 -31.43 -5.55 21.10
C ARG A 52 -32.74 -6.27 21.42
N THR A 53 -33.81 -5.86 20.77
CA THR A 53 -35.11 -6.55 20.87
C THR A 53 -35.37 -7.61 19.79
N THR A 54 -34.47 -7.73 18.84
CA THR A 54 -34.59 -8.50 17.67
C THR A 54 -33.96 -9.90 17.73
N ARG A 55 -33.36 -10.31 18.85
CA ARG A 55 -32.63 -11.57 18.89
C ARG A 55 -33.56 -12.68 19.31
N LYS A 56 -33.72 -13.72 18.54
CA LYS A 56 -34.68 -14.78 18.91
C LYS A 56 -33.85 -16.03 19.27
N GLU A 57 -33.74 -16.98 18.33
CA GLU A 57 -32.90 -18.18 18.51
C GLU A 57 -31.57 -18.09 17.72
N GLN A 58 -31.30 -16.96 17.08
CA GLN A 58 -30.03 -16.80 16.40
C GLN A 58 -28.90 -17.01 17.44
N THR A 59 -27.78 -17.58 16.99
CA THR A 59 -26.60 -17.83 17.83
C THR A 59 -25.87 -16.52 18.14
N ALA A 60 -26.30 -15.45 17.48
CA ALA A 60 -25.81 -14.10 17.64
C ALA A 60 -26.79 -13.11 17.03
N ASP A 61 -26.59 -11.84 17.34
CA ASP A 61 -27.36 -10.84 16.70
C ASP A 61 -27.14 -10.69 15.22
N GLY A 62 -25.86 -10.67 14.84
CA GLY A 62 -25.50 -10.29 13.50
C GLY A 62 -24.27 -11.02 12.99
N VAL A 63 -23.93 -10.69 11.77
CA VAL A 63 -22.66 -11.09 11.17
C VAL A 63 -21.92 -9.85 10.69
N ALA A 64 -20.61 -9.97 10.67
CA ALA A 64 -19.73 -9.02 9.94
C ALA A 64 -18.86 -9.94 9.02
N VAL A 65 -18.66 -9.53 7.81
CA VAL A 65 -18.02 -10.29 6.78
C VAL A 65 -16.61 -9.71 6.53
N ILE A 66 -15.61 -10.58 6.52
CA ILE A 66 -14.26 -10.17 6.10
C ILE A 66 -14.12 -10.69 4.67
N PRO A 67 -14.25 -9.80 3.68
CA PRO A 67 -14.38 -10.25 2.31
C PRO A 67 -13.06 -10.03 1.60
N VAL A 68 -12.39 -11.12 1.27
CA VAL A 68 -11.03 -11.05 0.67
C VAL A 68 -11.20 -11.21 -0.81
N LEU A 69 -11.05 -10.12 -1.55
CA LEU A 69 -11.24 -10.09 -2.95
C LEU A 69 -10.00 -10.55 -3.65
N GLN A 70 -10.11 -11.63 -4.43
CA GLN A 70 -8.92 -12.34 -5.02
C GLN A 70 -9.05 -12.29 -6.54
N ARG A 71 -7.98 -11.76 -7.22
CA ARG A 71 -8.02 -11.65 -8.66
C ARG A 71 -6.67 -11.92 -9.18
N THR A 72 -6.65 -12.68 -10.28
CA THR A 72 -5.38 -12.90 -10.93
C THR A 72 -4.63 -11.55 -11.30
N LEU A 73 -3.41 -11.57 -10.92
CA LEU A 73 -2.39 -10.51 -11.16
C LEU A 73 -2.85 -9.20 -10.51
N HIS A 74 -3.68 -9.37 -9.48
CA HIS A 74 -3.95 -8.28 -8.47
C HIS A 74 -3.49 -8.73 -7.05
N TYR A 75 -3.08 -7.73 -6.24
CA TYR A 75 -2.96 -7.92 -4.85
C TYR A 75 -4.41 -8.12 -4.27
N GLU A 76 -4.46 -8.88 -3.20
CA GLU A 76 -5.73 -9.23 -2.48
C GLU A 76 -6.23 -7.93 -1.89
N CYS A 77 -7.55 -7.72 -1.97
CA CYS A 77 -8.15 -6.56 -1.33
C CYS A 77 -9.08 -7.02 -0.24
N ILE A 78 -9.32 -6.13 0.70
CA ILE A 78 -10.35 -6.29 1.73
C ILE A 78 -11.47 -5.38 1.31
N VAL A 79 -12.68 -5.90 1.24
CA VAL A 79 -13.79 -5.14 0.71
C VAL A 79 -14.52 -4.54 1.95
N LEU A 80 -14.65 -3.23 1.98
CA LEU A 80 -15.27 -2.51 3.09
C LEU A 80 -16.42 -1.69 2.61
N VAL A 81 -17.26 -1.22 3.52
CA VAL A 81 -18.36 -0.37 3.16
C VAL A 81 -18.37 0.88 3.99
N LYS A 82 -18.92 1.92 3.40
CA LYS A 82 -19.02 3.25 4.05
C LYS A 82 -20.50 3.60 4.01
N GLN A 83 -21.03 4.03 5.16
CA GLN A 83 -22.43 4.37 5.25
C GLN A 83 -22.63 5.32 6.41
N PHE A 84 -23.72 6.06 6.35
CA PHE A 84 -24.09 6.96 7.43
C PHE A 84 -24.68 6.12 8.59
N ARG A 85 -24.21 6.41 9.77
CA ARG A 85 -24.64 5.71 10.97
C ARG A 85 -25.28 6.73 11.92
N PRO A 86 -26.62 6.67 12.01
CA PRO A 86 -27.28 7.70 12.86
C PRO A 86 -26.72 7.78 14.30
N PRO A 87 -26.40 6.62 15.00
CA PRO A 87 -25.81 6.72 16.34
C PRO A 87 -24.55 7.51 16.43
N MET A 88 -23.77 7.51 15.37
CA MET A 88 -22.53 8.22 15.35
C MET A 88 -22.68 9.61 14.80
N GLY A 89 -23.80 9.90 14.14
CA GLY A 89 -24.01 11.20 13.46
C GLY A 89 -23.03 11.49 12.33
N GLY A 90 -22.66 10.45 11.57
CA GLY A 90 -21.68 10.59 10.53
C GLY A 90 -21.39 9.25 9.88
N TYR A 91 -20.48 9.33 8.93
CA TYR A 91 -20.06 8.21 8.06
C TYR A 91 -19.00 7.33 8.74
N CYS A 92 -19.18 6.01 8.52
CA CYS A 92 -18.25 5.04 9.09
C CYS A 92 -17.83 4.08 8.05
N ILE A 93 -16.63 3.58 8.20
CA ILE A 93 -16.09 2.56 7.30
C ILE A 93 -16.01 1.25 8.09
N GLU A 94 -16.68 0.22 7.58
CA GLU A 94 -16.89 -1.05 8.32
C GLU A 94 -16.73 -2.24 7.38
N PHE A 95 -16.60 -3.40 8.00
CA PHE A 95 -16.82 -4.66 7.29
C PHE A 95 -18.31 -4.70 6.93
N PRO A 96 -18.67 -5.27 5.78
CA PRO A 96 -20.09 -5.53 5.44
C PRO A 96 -20.72 -6.37 6.57
N ALA A 97 -21.93 -6.08 6.94
CA ALA A 97 -22.52 -6.58 8.17
C ALA A 97 -24.01 -6.41 8.15
N GLY A 98 -24.70 -7.31 8.85
CA GLY A 98 -26.15 -7.13 9.05
C GLY A 98 -26.64 -8.08 10.12
N LEU A 99 -27.89 -7.88 10.56
CA LEU A 99 -28.43 -8.80 11.52
C LEU A 99 -28.83 -10.11 10.83
N ILE A 100 -28.87 -11.19 11.60
CA ILE A 100 -29.20 -12.51 11.08
C ILE A 100 -30.70 -12.62 11.12
N ASP A 101 -31.30 -12.99 10.00
CA ASP A 101 -32.81 -13.12 9.95
C ASP A 101 -33.17 -14.37 10.73
N ASP A 102 -34.39 -14.43 11.27
CA ASP A 102 -34.83 -15.63 12.06
C ASP A 102 -34.75 -16.86 11.15
N GLY A 103 -34.10 -17.92 11.62
CA GLY A 103 -33.99 -19.17 10.89
C GLY A 103 -32.86 -19.22 9.90
N GLU A 104 -32.12 -18.10 9.76
CA GLU A 104 -31.08 -17.98 8.82
C GLU A 104 -29.76 -18.41 9.52
N THR A 105 -28.88 -19.09 8.80
CA THR A 105 -27.61 -19.47 9.35
C THR A 105 -26.62 -18.23 9.35
N PRO A 106 -25.61 -18.27 10.20
CA PRO A 106 -24.66 -17.10 10.07
C PRO A 106 -23.98 -17.04 8.69
N GLU A 107 -23.59 -18.17 8.13
CA GLU A 107 -23.01 -18.20 6.81
C GLU A 107 -23.89 -17.62 5.74
N ALA A 108 -25.12 -18.08 5.71
CA ALA A 108 -26.09 -17.55 4.76
C ALA A 108 -26.30 -16.03 4.93
N ALA A 109 -26.42 -15.57 6.16
CA ALA A 109 -26.53 -14.16 6.46
C ALA A 109 -25.34 -13.41 5.93
N ALA A 110 -24.15 -13.93 6.16
CA ALA A 110 -22.90 -13.29 5.64
C ALA A 110 -22.87 -13.15 4.14
N LEU A 111 -23.20 -14.23 3.46
CA LEU A 111 -23.17 -14.20 2.01
C LEU A 111 -24.25 -13.30 1.49
N ARG A 112 -25.38 -13.30 2.16
CA ARG A 112 -26.47 -12.44 1.72
C ARG A 112 -26.16 -10.96 1.93
N GLU A 113 -25.69 -10.61 3.10
CA GLU A 113 -25.35 -9.23 3.41
C GLU A 113 -24.23 -8.75 2.48
N LEU A 114 -23.25 -9.58 2.26
CA LEU A 114 -22.17 -9.23 1.34
C LEU A 114 -22.70 -8.89 -0.06
N GLU A 115 -23.55 -9.77 -0.61
CA GLU A 115 -24.13 -9.46 -1.89
C GLU A 115 -24.98 -8.18 -1.86
N GLU A 116 -25.79 -7.99 -0.82
CA GLU A 116 -26.71 -6.84 -0.72
C GLU A 116 -25.95 -5.55 -0.66
N GLU A 117 -24.81 -5.58 0.07
CA GLU A 117 -24.10 -4.36 0.39
C GLU A 117 -23.05 -4.01 -0.67
N THR A 118 -22.49 -5.01 -1.30
CA THR A 118 -21.35 -4.84 -2.20
C THR A 118 -21.59 -5.33 -3.60
N GLY A 119 -22.56 -6.21 -3.81
CA GLY A 119 -22.76 -6.83 -5.11
C GLY A 119 -22.01 -8.13 -5.32
N TYR A 120 -21.00 -8.41 -4.51
CA TYR A 120 -20.18 -9.54 -4.71
C TYR A 120 -20.78 -10.81 -4.16
N LYS A 121 -20.56 -11.88 -4.90
CA LYS A 121 -20.91 -13.21 -4.50
C LYS A 121 -19.71 -13.94 -3.97
N GLY A 122 -19.68 -14.17 -2.68
CA GLY A 122 -18.55 -14.80 -2.10
C GLY A 122 -18.60 -16.25 -1.89
N ASP A 123 -17.52 -16.82 -1.42
CA ASP A 123 -17.45 -18.25 -0.96
C ASP A 123 -17.08 -18.31 0.47
N ILE A 124 -17.76 -19.06 1.30
CA ILE A 124 -17.38 -19.15 2.70
C ILE A 124 -15.97 -19.72 2.88
N ALA A 125 -15.19 -19.07 3.71
CA ALA A 125 -13.93 -19.61 4.25
C ALA A 125 -13.95 -20.11 5.61
N GLU A 126 -14.44 -19.32 6.58
CA GLU A 126 -14.46 -19.70 8.00
C GLU A 126 -15.52 -18.88 8.66
N CYS A 127 -15.96 -19.39 9.76
CA CYS A 127 -17.00 -18.74 10.59
C CYS A 127 -16.63 -18.78 12.05
N SER A 128 -16.56 -17.63 12.74
CA SER A 128 -16.15 -17.59 14.09
C SER A 128 -17.31 -18.07 14.97
N PRO A 129 -17.00 -18.41 16.21
CA PRO A 129 -18.04 -18.45 17.25
C PRO A 129 -18.58 -17.03 17.50
N ALA A 130 -19.71 -16.92 18.13
CA ALA A 130 -20.24 -15.64 18.54
C ALA A 130 -19.24 -14.88 19.39
N VAL A 131 -19.00 -13.65 18.97
CA VAL A 131 -18.02 -12.74 19.61
C VAL A 131 -18.71 -11.48 20.05
N CYS A 132 -18.27 -10.86 21.15
CA CYS A 132 -19.05 -9.71 21.72
C CYS A 132 -18.59 -8.38 21.18
N MET A 133 -19.56 -7.53 20.92
CA MET A 133 -19.34 -6.24 20.34
C MET A 133 -18.82 -5.19 21.30
N ASP A 134 -19.33 -5.16 22.55
CA ASP A 134 -18.94 -4.10 23.45
C ASP A 134 -19.48 -4.58 24.79
N PRO A 135 -18.79 -5.56 25.43
CA PRO A 135 -19.42 -6.35 26.47
C PRO A 135 -19.61 -5.63 27.80
N GLY A 136 -18.91 -4.53 28.03
CA GLY A 136 -19.22 -3.65 29.18
C GLY A 136 -20.51 -2.85 29.06
N LEU A 137 -21.05 -2.78 27.85
CA LEU A 137 -22.26 -2.00 27.52
C LEU A 137 -23.48 -2.85 27.14
N SER A 138 -23.28 -3.80 26.23
CA SER A 138 -24.35 -4.54 25.60
C SER A 138 -24.11 -6.02 25.55
N ASN A 139 -25.16 -6.78 25.33
CA ASN A 139 -25.03 -8.26 25.11
C ASN A 139 -24.85 -8.59 23.62
N CYS A 140 -24.67 -7.60 22.79
CA CYS A 140 -24.70 -7.81 21.36
C CYS A 140 -23.48 -8.64 20.93
N THR A 141 -23.76 -9.55 20.03
CA THR A 141 -22.80 -10.49 19.49
C THR A 141 -22.96 -10.63 17.98
N ILE A 142 -21.82 -11.01 17.33
CA ILE A 142 -21.79 -11.33 15.92
C ILE A 142 -21.02 -12.58 15.69
N HIS A 143 -21.24 -13.22 14.54
CA HIS A 143 -20.22 -14.10 13.95
C HIS A 143 -19.42 -13.29 12.94
N ILE A 144 -18.10 -13.43 12.99
CA ILE A 144 -17.23 -12.91 12.01
C ILE A 144 -17.02 -14.01 10.98
N VAL A 145 -17.42 -13.75 9.76
CA VAL A 145 -17.41 -14.70 8.63
C VAL A 145 -16.43 -14.27 7.62
N THR A 146 -15.39 -15.05 7.43
CA THR A 146 -14.37 -14.79 6.39
C THR A 146 -14.88 -15.41 5.11
N VAL A 147 -14.88 -14.62 4.02
CA VAL A 147 -15.37 -15.05 2.73
C VAL A 147 -14.34 -14.63 1.69
N THR A 148 -13.99 -15.51 0.77
CA THR A 148 -13.22 -15.13 -0.42
C THR A 148 -14.17 -14.74 -1.59
N ILE A 149 -13.80 -13.79 -2.42
CA ILE A 149 -14.55 -13.38 -3.60
C ILE A 149 -13.61 -13.70 -4.75
N ASN A 150 -14.09 -14.53 -5.68
CA ASN A 150 -13.27 -14.79 -6.89
C ASN A 150 -13.59 -13.66 -7.80
N GLY A 151 -12.71 -12.63 -7.86
CA GLY A 151 -13.02 -11.51 -8.71
C GLY A 151 -12.72 -11.76 -10.19
N ASP A 152 -12.22 -12.92 -10.52
CA ASP A 152 -12.17 -13.30 -11.95
C ASP A 152 -13.47 -13.92 -12.49
N ASP A 153 -14.38 -14.35 -11.59
CA ASP A 153 -15.66 -14.91 -12.04
C ASP A 153 -16.52 -13.80 -12.63
N ALA A 154 -17.23 -14.12 -13.71
CA ALA A 154 -18.07 -13.14 -14.44
C ALA A 154 -19.20 -12.51 -13.56
N GLU A 155 -19.67 -13.32 -12.62
CA GLU A 155 -20.64 -12.92 -11.60
C GLU A 155 -20.16 -11.70 -10.81
N ASN A 156 -18.84 -11.53 -10.69
CA ASN A 156 -18.24 -10.53 -9.83
C ASN A 156 -17.53 -9.48 -10.63
N ALA A 157 -17.90 -9.31 -11.90
CA ALA A 157 -17.26 -8.35 -12.82
C ALA A 157 -17.77 -6.96 -12.56
N ARG A 158 -19.09 -6.78 -12.62
CA ARG A 158 -19.71 -5.46 -12.50
C ARG A 158 -20.65 -5.55 -11.27
N PRO A 159 -20.07 -5.66 -10.06
CA PRO A 159 -20.88 -5.84 -8.85
C PRO A 159 -21.65 -4.57 -8.52
N LYS A 160 -22.99 -4.64 -8.47
CA LYS A 160 -23.84 -3.52 -7.96
C LYS A 160 -24.52 -3.89 -6.60
N PRO A 161 -24.27 -3.09 -5.54
CA PRO A 161 -25.13 -3.24 -4.33
C PRO A 161 -26.65 -3.43 -4.64
N LYS A 162 -27.33 -4.37 -3.95
CA LYS A 162 -28.81 -4.38 -3.83
C LYS A 162 -29.25 -3.85 -2.47
N PRO A 163 -29.15 -2.52 -2.27
CA PRO A 163 -29.53 -2.00 -0.95
C PRO A 163 -31.03 -2.21 -0.61
N GLY A 164 -31.31 -2.49 0.67
CA GLY A 164 -32.69 -2.65 1.17
C GLY A 164 -33.33 -1.29 1.36
N ASP A 165 -34.54 -1.25 1.91
CA ASP A 165 -35.23 0.04 2.12
C ASP A 165 -34.45 0.79 3.21
N GLY A 166 -34.10 2.05 2.94
CA GLY A 166 -33.35 2.82 3.91
C GLY A 166 -31.88 2.37 4.09
N GLU A 167 -31.32 1.69 3.07
CA GLU A 167 -29.93 1.23 3.05
C GLU A 167 -29.24 1.97 1.90
N PHE A 168 -28.07 2.56 2.16
CA PHE A 168 -27.35 3.44 1.20
C PHE A 168 -25.83 3.32 1.38
N VAL A 169 -25.24 2.37 0.69
CA VAL A 169 -23.94 1.87 1.05
C VAL A 169 -22.93 2.10 -0.08
N GLU A 170 -21.75 2.60 0.28
CA GLU A 170 -20.63 2.76 -0.69
C GLU A 170 -19.59 1.66 -0.45
N VAL A 171 -19.06 1.05 -1.50
CA VAL A 171 -18.01 0.06 -1.41
C VAL A 171 -16.61 0.60 -1.58
N ILE A 172 -15.72 0.23 -0.68
CA ILE A 172 -14.31 0.65 -0.73
C ILE A 172 -13.48 -0.57 -0.57
N SER A 173 -12.81 -0.95 -1.64
CA SER A 173 -11.87 -2.05 -1.62
C SER A 173 -10.43 -1.62 -1.50
N LEU A 174 -9.73 -2.09 -0.47
CA LEU A 174 -8.38 -1.63 -0.17
C LEU A 174 -7.43 -2.77 -0.18
N PRO A 175 -6.18 -2.57 -0.67
CA PRO A 175 -5.29 -3.73 -0.62
C PRO A 175 -4.88 -4.17 0.71
N LYS A 176 -4.97 -5.45 0.93
CA LYS A 176 -4.63 -6.05 2.16
C LYS A 176 -3.21 -5.72 2.63
N ASN A 177 -2.27 -5.63 1.66
CA ASN A 177 -0.91 -5.39 2.01
C ASN A 177 -0.65 -3.96 2.43
N ASP A 178 -1.63 -3.07 2.31
CA ASP A 178 -1.41 -1.65 2.77
C ASP A 178 -2.64 -1.13 3.51
N LEU A 179 -3.37 -2.04 4.21
CA LEU A 179 -4.68 -1.65 4.65
C LEU A 179 -4.66 -0.49 5.66
N LEU A 180 -3.83 -0.58 6.67
CA LEU A 180 -3.78 0.44 7.73
C LEU A 180 -3.44 1.80 7.12
N GLN A 181 -2.48 1.90 6.20
CA GLN A 181 -2.12 3.23 5.72
C GLN A 181 -3.17 3.75 4.84
N ARG A 182 -3.86 2.87 4.13
CA ARG A 182 -4.93 3.32 3.28
C ARG A 182 -6.13 3.82 4.03
N LEU A 183 -6.45 3.13 5.12
CA LEU A 183 -7.42 3.64 6.08
C LEU A 183 -7.06 5.00 6.67
N ASP A 184 -5.81 5.11 7.12
CA ASP A 184 -5.27 6.44 7.62
C ASP A 184 -5.46 7.50 6.51
N ALA A 185 -5.13 7.19 5.28
CA ALA A 185 -5.28 8.18 4.24
C ALA A 185 -6.75 8.57 3.99
N LEU A 186 -7.71 7.63 4.13
CA LEU A 186 -9.07 8.02 4.09
C LEU A 186 -9.56 8.92 5.25
N VAL A 187 -9.14 8.64 6.48
CA VAL A 187 -9.47 9.39 7.70
C VAL A 187 -8.85 10.79 7.53
N ALA A 188 -7.60 10.85 7.09
CA ALA A 188 -6.94 12.18 6.88
C ALA A 188 -7.72 13.10 5.88
N GLU A 189 -8.45 12.53 4.91
CA GLU A 189 -9.14 13.27 3.82
C GLU A 189 -10.59 13.74 3.99
N GLU A 190 -11.36 13.05 4.84
CA GLU A 190 -12.72 13.46 5.23
C GLU A 190 -13.06 13.16 6.71
N HIS A 191 -14.21 13.66 7.17
CA HIS A 191 -14.69 13.34 8.52
C HIS A 191 -15.39 11.99 8.44
N LEU A 192 -14.83 11.01 9.13
CA LEU A 192 -15.32 9.66 8.99
C LEU A 192 -14.64 8.86 10.06
N THR A 193 -15.29 7.80 10.51
CA THR A 193 -14.75 7.00 11.58
C THR A 193 -14.52 5.57 11.02
N VAL A 194 -13.39 5.04 11.33
CA VAL A 194 -13.17 3.63 11.01
C VAL A 194 -13.67 2.80 12.19
N ASP A 195 -14.29 1.70 11.87
CA ASP A 195 -14.70 0.71 12.84
C ASP A 195 -13.57 0.05 13.54
N ALA A 196 -13.80 -0.16 14.83
CA ALA A 196 -12.76 -0.78 15.67
C ALA A 196 -12.30 -2.19 15.21
N ARG A 197 -13.23 -2.98 14.69
CA ARG A 197 -12.83 -4.33 14.22
C ARG A 197 -11.98 -4.19 12.94
N VAL A 198 -12.37 -3.28 12.03
CA VAL A 198 -11.56 -3.04 10.85
C VAL A 198 -10.16 -2.55 11.22
N TYR A 199 -10.12 -1.64 12.21
CA TYR A 199 -8.79 -1.09 12.59
C TYR A 199 -7.95 -2.16 13.22
N SER A 200 -8.57 -3.01 13.98
CA SER A 200 -7.89 -4.07 14.72
C SER A 200 -7.29 -5.04 13.71
N TYR A 201 -8.08 -5.36 12.71
CA TYR A 201 -7.68 -6.29 11.62
C TYR A 201 -6.50 -5.66 10.83
N ALA A 202 -6.60 -4.40 10.51
CA ALA A 202 -5.50 -3.68 9.83
C ALA A 202 -4.22 -3.59 10.65
N LEU A 203 -4.35 -3.30 11.94
CA LEU A 203 -3.19 -3.26 12.85
C LEU A 203 -2.48 -4.65 12.89
N ALA A 204 -3.26 -5.76 12.99
CA ALA A 204 -2.63 -7.07 13.05
C ALA A 204 -1.89 -7.37 11.74
N LEU A 205 -2.44 -6.97 10.59
CA LEU A 205 -1.80 -7.15 9.28
C LEU A 205 -0.42 -6.44 9.27
N LYS A 206 -0.39 -5.22 9.82
CA LYS A 206 0.88 -4.52 10.07
C LYS A 206 1.78 -5.29 11.02
N HIS A 207 1.28 -5.72 12.17
CA HIS A 207 2.11 -6.32 13.18
C HIS A 207 2.64 -7.70 12.78
N ALA A 208 1.96 -8.37 11.83
CA ALA A 208 2.42 -9.65 11.38
C ALA A 208 3.61 -9.43 10.41
N LYS B 15 -24.45 14.46 2.47
CA LYS B 15 -25.81 14.08 2.02
C LYS B 15 -26.71 13.69 3.21
N GLN B 16 -26.24 12.83 4.13
CA GLN B 16 -27.06 12.49 5.30
C GLN B 16 -26.62 13.24 6.54
N TYR B 17 -27.54 13.49 7.44
CA TYR B 17 -27.21 14.19 8.66
C TYR B 17 -28.31 14.04 9.65
N ILE B 18 -27.99 14.44 10.87
CA ILE B 18 -28.87 14.37 12.01
C ILE B 18 -29.71 15.65 12.01
N ILE B 19 -30.99 15.49 12.20
CA ILE B 19 -31.91 16.63 12.35
C ILE B 19 -32.15 16.91 13.84
N SER B 20 -32.44 15.87 14.62
CA SER B 20 -32.73 16.00 16.06
C SER B 20 -32.55 14.71 16.83
N GLU B 21 -32.39 14.84 18.14
CA GLU B 21 -32.21 13.68 19.01
C GLU B 21 -33.17 13.91 20.15
N GLU B 22 -34.06 12.97 20.37
CA GLU B 22 -34.95 12.92 21.50
C GLU B 22 -34.46 11.94 22.54
N LEU B 23 -34.20 12.43 23.75
CA LEU B 23 -34.04 11.50 24.90
C LEU B 23 -35.19 10.53 25.19
N ILE B 24 -34.93 9.24 25.19
CA ILE B 24 -35.95 8.25 25.53
C ILE B 24 -35.78 7.89 26.99
N SER B 25 -34.54 7.65 27.45
CA SER B 25 -34.31 7.21 28.83
C SER B 25 -32.84 7.40 29.20
N GLU B 26 -32.56 7.92 30.39
CA GLU B 26 -31.22 8.26 30.79
C GLU B 26 -30.89 7.63 32.09
N GLY B 27 -29.96 6.70 32.08
CA GLY B 27 -29.48 6.13 33.33
C GLY B 27 -28.33 6.95 33.91
N LYS B 28 -27.64 6.34 34.84
CA LYS B 28 -26.41 6.86 35.39
C LYS B 28 -25.24 6.77 34.44
N TRP B 29 -25.20 5.65 33.66
CA TRP B 29 -24.07 5.31 32.77
C TRP B 29 -24.39 5.29 31.22
N VAL B 30 -25.64 5.07 30.88
CA VAL B 30 -26.06 4.84 29.52
C VAL B 30 -27.40 5.54 29.33
N LYS B 31 -27.60 6.10 28.15
CA LYS B 31 -28.88 6.64 27.71
C LYS B 31 -29.32 6.11 26.34
N LEU B 32 -30.61 6.15 26.06
CA LEU B 32 -31.22 5.73 24.84
C LEU B 32 -31.91 6.91 24.23
N GLU B 33 -31.64 7.18 22.97
CA GLU B 33 -32.19 8.33 22.23
C GLU B 33 -32.92 7.87 20.99
N LYS B 34 -33.86 8.68 20.52
CA LYS B 34 -34.45 8.47 19.20
C LYS B 34 -33.90 9.56 18.30
N THR B 35 -33.10 9.15 17.33
CA THR B 35 -32.41 10.04 16.40
C THR B 35 -33.25 10.19 15.18
N THR B 36 -33.51 11.45 14.82
CA THR B 36 -34.09 11.71 13.51
C THR B 36 -33.00 12.17 12.57
N TYR B 37 -33.01 11.64 11.35
CA TYR B 37 -32.00 11.93 10.31
C TYR B 37 -32.62 11.98 8.90
N MET B 38 -31.86 12.60 8.03
CA MET B 38 -32.24 12.77 6.64
C MET B 38 -31.58 11.68 5.85
N ASP B 39 -32.37 10.87 5.15
CA ASP B 39 -31.82 9.79 4.35
C ASP B 39 -31.42 10.39 3.00
N PRO B 40 -30.72 9.62 2.19
CA PRO B 40 -30.17 10.35 1.03
C PRO B 40 -31.19 10.66 -0.09
N THR B 41 -32.39 10.08 -0.02
CA THR B 41 -33.49 10.48 -0.92
C THR B 41 -34.14 11.81 -0.54
N GLY B 42 -33.82 12.36 0.63
CA GLY B 42 -34.61 13.49 1.19
C GLY B 42 -35.77 13.08 2.08
N LYS B 43 -35.84 11.79 2.47
CA LYS B 43 -36.88 11.27 3.37
C LYS B 43 -36.35 11.23 4.81
N THR B 44 -37.19 11.62 5.73
CA THR B 44 -36.85 11.78 7.13
C THR B 44 -37.07 10.43 7.80
N ARG B 45 -36.11 9.99 8.63
CA ARG B 45 -36.14 8.59 9.20
C ARG B 45 -35.70 8.67 10.62
N THR B 46 -35.98 7.63 11.42
CA THR B 46 -35.59 7.56 12.82
C THR B 46 -34.73 6.34 13.10
N TRP B 47 -33.95 6.42 14.16
CA TRP B 47 -33.05 5.35 14.61
C TRP B 47 -33.04 5.37 16.13
N GLU B 48 -32.90 4.20 16.74
CA GLU B 48 -32.77 4.10 18.21
C GLU B 48 -31.27 3.98 18.51
N SER B 49 -30.71 4.96 19.18
CA SER B 49 -29.32 5.12 19.42
C SER B 49 -28.96 5.06 20.91
N VAL B 50 -27.84 4.43 21.22
CA VAL B 50 -27.34 4.36 22.61
C VAL B 50 -26.16 5.30 22.69
N LYS B 51 -26.03 6.00 23.79
CA LYS B 51 -24.87 6.73 24.16
C LYS B 51 -24.51 6.53 25.64
N ARG B 52 -23.22 6.67 25.94
CA ARG B 52 -22.81 6.75 27.33
C ARG B 52 -23.07 8.15 27.87
N THR B 53 -23.28 8.26 29.17
CA THR B 53 -23.44 9.61 29.78
C THR B 53 -22.12 10.20 30.29
N THR B 54 -21.03 9.45 30.16
CA THR B 54 -19.75 9.72 30.78
C THR B 54 -18.77 10.49 29.87
N ARG B 55 -19.07 10.66 28.59
CA ARG B 55 -18.11 11.27 27.70
C ARG B 55 -18.13 12.78 27.93
N LYS B 56 -16.98 13.44 27.83
CA LYS B 56 -16.83 14.91 28.06
C LYS B 56 -16.16 15.62 26.90
N GLN B 58 -13.34 14.49 25.91
CA GLN B 58 -12.50 13.38 25.44
C GLN B 58 -12.56 13.16 23.93
N THR B 59 -11.45 12.62 23.43
CA THR B 59 -11.27 12.16 22.03
C THR B 59 -12.17 10.97 21.69
N ALA B 60 -12.58 10.25 22.72
CA ALA B 60 -13.28 8.94 22.66
C ALA B 60 -13.80 8.60 24.06
N ASP B 61 -14.70 7.60 24.15
CA ASP B 61 -15.15 7.10 25.42
C ASP B 61 -14.05 6.42 26.21
N GLY B 62 -13.33 5.51 25.53
CA GLY B 62 -12.36 4.60 26.17
C GLY B 62 -11.08 4.40 25.36
N VAL B 63 -10.24 3.55 25.92
CA VAL B 63 -9.13 2.92 25.26
C VAL B 63 -9.17 1.44 25.39
N ALA B 64 -8.55 0.77 24.41
CA ALA B 64 -8.33 -0.67 24.48
C ALA B 64 -6.86 -0.83 24.15
N VAL B 65 -6.19 -1.65 24.89
CA VAL B 65 -4.77 -1.78 24.79
C VAL B 65 -4.42 -3.15 24.10
N ILE B 66 -3.63 -3.10 23.09
CA ILE B 66 -3.01 -4.32 22.50
C ILE B 66 -1.60 -4.43 23.12
N PRO B 67 -1.44 -5.30 24.14
CA PRO B 67 -0.18 -5.36 24.91
C PRO B 67 0.65 -6.54 24.44
N VAL B 68 1.78 -6.22 23.82
CA VAL B 68 2.65 -7.17 23.23
C VAL B 68 3.73 -7.44 24.31
N LEU B 69 3.64 -8.59 24.96
CA LEU B 69 4.61 -9.03 25.96
C LEU B 69 5.86 -9.70 25.32
N GLN B 70 6.98 -8.99 25.43
CA GLN B 70 8.23 -9.39 24.78
C GLN B 70 9.23 -9.93 25.80
N ARG B 71 9.60 -11.19 25.75
CA ARG B 71 10.56 -11.77 26.63
C ARG B 71 11.51 -12.55 25.74
N THR B 72 12.79 -12.29 25.95
CA THR B 72 13.76 -13.00 25.17
C THR B 72 13.71 -14.52 25.43
N LEU B 73 13.95 -15.26 24.33
CA LEU B 73 13.87 -16.70 24.26
C LEU B 73 12.51 -17.29 24.55
N HIS B 74 11.50 -16.44 24.43
CA HIS B 74 10.04 -16.88 24.53
C HIS B 74 9.30 -16.39 23.34
N TYR B 75 8.15 -17.04 23.05
CA TYR B 75 7.30 -16.40 22.06
C TYR B 75 6.76 -15.11 22.57
N GLU B 76 6.54 -14.21 21.67
CA GLU B 76 5.84 -12.97 21.95
C GLU B 76 4.38 -13.32 22.25
N CYS B 77 3.88 -12.72 23.31
CA CYS B 77 2.48 -12.92 23.80
C CYS B 77 1.66 -11.62 23.66
N ILE B 78 0.36 -11.86 23.50
CA ILE B 78 -0.59 -10.77 23.60
C ILE B 78 -1.26 -11.00 24.91
N VAL B 79 -1.29 -9.95 25.71
CA VAL B 79 -1.84 -10.06 27.05
C VAL B 79 -3.32 -9.70 27.06
N LEU B 80 -4.16 -10.59 27.49
CA LEU B 80 -5.61 -10.33 27.45
C LEU B 80 -6.17 -10.50 28.86
N VAL B 81 -7.43 -10.13 29.03
CA VAL B 81 -8.05 -10.15 30.28
C VAL B 81 -9.38 -10.87 30.22
N LYS B 82 -9.73 -11.54 31.29
CA LYS B 82 -10.99 -12.29 31.41
C LYS B 82 -11.76 -11.70 32.59
N GLN B 83 -13.01 -11.32 32.37
CA GLN B 83 -13.83 -10.66 33.42
C GLN B 83 -15.26 -11.09 33.19
N PHE B 84 -16.05 -11.09 34.28
CA PHE B 84 -17.49 -11.24 34.17
C PHE B 84 -18.03 -9.93 33.60
N ARG B 85 -18.92 -10.05 32.63
CA ARG B 85 -19.53 -8.83 32.04
C ARG B 85 -21.01 -8.89 32.18
N PRO B 86 -21.56 -8.08 33.07
CA PRO B 86 -23.01 -8.22 33.38
C PRO B 86 -23.94 -8.09 32.15
N PRO B 87 -23.63 -7.22 31.15
CA PRO B 87 -24.51 -7.25 29.96
C PRO B 87 -24.50 -8.53 29.23
N MET B 88 -23.38 -9.24 29.27
CA MET B 88 -23.29 -10.48 28.59
C MET B 88 -23.81 -11.67 29.39
N GLY B 89 -23.96 -11.52 30.70
CA GLY B 89 -24.33 -12.64 31.58
C GLY B 89 -23.24 -13.66 31.74
N GLY B 90 -21.97 -13.35 31.43
CA GLY B 90 -20.95 -14.36 31.42
C GLY B 90 -19.57 -13.73 31.34
N TYR B 91 -18.59 -14.59 31.17
CA TYR B 91 -17.17 -14.14 31.13
C TYR B 91 -16.75 -13.94 29.67
N CYS B 92 -15.95 -12.91 29.46
CA CYS B 92 -15.43 -12.51 28.20
C CYS B 92 -13.95 -12.34 28.27
N ILE B 93 -13.31 -12.60 27.16
CA ILE B 93 -11.89 -12.43 26.99
C ILE B 93 -11.75 -11.22 26.07
N GLU B 94 -10.96 -10.25 26.51
CA GLU B 94 -10.87 -8.93 25.92
C GLU B 94 -9.42 -8.35 26.00
N PHE B 95 -9.11 -7.36 25.15
CA PHE B 95 -7.96 -6.50 25.38
C PHE B 95 -8.18 -5.75 26.71
N PRO B 96 -7.14 -5.54 27.49
CA PRO B 96 -7.30 -4.54 28.58
C PRO B 96 -7.83 -3.18 28.08
N ALA B 97 -8.71 -2.58 28.88
CA ALA B 97 -9.53 -1.51 28.46
C ALA B 97 -10.22 -0.85 29.61
N GLY B 98 -10.44 0.44 29.35
CA GLY B 98 -11.26 1.24 30.23
C GLY B 98 -11.54 2.62 29.68
N LEU B 99 -12.45 3.31 30.38
CA LEU B 99 -12.87 4.63 29.94
C LEU B 99 -11.74 5.63 30.27
N ILE B 100 -11.60 6.66 29.42
CA ILE B 100 -10.59 7.69 29.55
C ILE B 100 -11.12 8.69 30.62
N ASP B 101 -10.31 8.97 31.63
CA ASP B 101 -10.68 9.93 32.71
C ASP B 101 -10.73 11.36 32.16
N ASP B 102 -11.59 12.19 32.79
CA ASP B 102 -11.64 13.65 32.44
C ASP B 102 -10.22 14.28 32.44
N GLY B 103 -9.79 14.85 31.32
CA GLY B 103 -8.42 15.42 31.21
C GLY B 103 -7.23 14.47 31.12
N GLU B 104 -7.51 13.18 30.92
CA GLU B 104 -6.48 12.17 30.60
C GLU B 104 -6.30 12.05 29.08
N THR B 105 -5.06 11.87 28.65
CA THR B 105 -4.77 11.59 27.26
C THR B 105 -5.04 10.09 26.96
N PRO B 106 -5.31 9.74 25.69
CA PRO B 106 -5.55 8.27 25.43
C PRO B 106 -4.32 7.44 25.75
N GLU B 107 -3.13 7.95 25.46
CA GLU B 107 -1.92 7.21 25.83
C GLU B 107 -1.78 6.94 27.34
N ALA B 108 -2.13 7.93 28.16
CA ALA B 108 -1.98 7.79 29.59
C ALA B 108 -3.03 6.87 30.14
N ALA B 109 -4.26 6.91 29.57
CA ALA B 109 -5.31 5.98 29.93
C ALA B 109 -4.88 4.56 29.64
N ALA B 110 -4.22 4.37 28.53
CA ALA B 110 -3.73 3.01 28.14
C ALA B 110 -2.74 2.42 29.06
N LEU B 111 -1.72 3.21 29.40
CA LEU B 111 -0.75 2.67 30.35
C LEU B 111 -1.35 2.49 31.69
N ARG B 112 -2.23 3.39 32.08
CA ARG B 112 -2.83 3.25 33.35
C ARG B 112 -3.71 2.04 33.41
N GLU B 113 -4.63 1.86 32.43
CA GLU B 113 -5.48 0.67 32.49
C GLU B 113 -4.71 -0.62 32.38
N LEU B 114 -3.67 -0.63 31.56
CA LEU B 114 -2.86 -1.85 31.43
C LEU B 114 -2.26 -2.22 32.77
N GLU B 115 -1.73 -1.22 33.46
CA GLU B 115 -1.22 -1.50 34.82
C GLU B 115 -2.22 -1.94 35.81
N GLU B 116 -3.38 -1.28 35.86
CA GLU B 116 -4.41 -1.69 36.83
C GLU B 116 -4.97 -3.09 36.58
N GLU B 117 -5.15 -3.40 35.31
CA GLU B 117 -5.79 -4.64 34.93
C GLU B 117 -4.81 -5.82 34.86
N THR B 118 -3.55 -5.57 34.52
CA THR B 118 -2.57 -6.71 34.30
C THR B 118 -1.36 -6.66 35.27
N GLY B 119 -1.13 -5.51 35.92
CA GLY B 119 0.12 -5.21 36.57
C GLY B 119 1.32 -4.90 35.70
N TYR B 120 1.25 -5.02 34.36
CA TYR B 120 2.34 -4.69 33.49
C TYR B 120 2.50 -3.23 33.25
N LYS B 121 3.77 -2.81 33.17
CA LYS B 121 4.18 -1.46 32.79
C LYS B 121 4.73 -1.48 31.40
N GLY B 122 4.07 -0.75 30.51
CA GLY B 122 4.38 -0.85 29.12
C GLY B 122 4.87 0.45 28.52
N ASP B 123 5.34 0.37 27.29
CA ASP B 123 5.71 1.51 26.49
C ASP B 123 4.75 1.62 25.35
N ILE B 124 4.32 2.84 25.05
CA ILE B 124 3.51 3.14 23.87
C ILE B 124 4.22 2.93 22.53
N ALA B 125 3.59 2.16 21.63
CA ALA B 125 4.11 1.96 20.31
C ALA B 125 3.37 2.82 19.32
N GLU B 126 2.04 2.80 19.35
CA GLU B 126 1.27 3.60 18.45
C GLU B 126 -0.17 3.77 19.00
N CYS B 127 -0.92 4.69 18.41
CA CYS B 127 -2.25 5.07 18.93
C CYS B 127 -3.16 5.35 17.81
N SER B 128 -4.29 4.63 17.75
CA SER B 128 -5.23 4.88 16.66
C SER B 128 -5.97 6.22 16.84
N PRO B 129 -6.55 6.71 15.78
CA PRO B 129 -7.65 7.67 15.92
C PRO B 129 -8.85 7.04 16.60
N ALA B 130 -9.82 7.89 16.94
CA ALA B 130 -11.02 7.33 17.60
C ALA B 130 -11.71 6.40 16.59
N VAL B 131 -12.07 5.19 17.06
CA VAL B 131 -12.67 4.14 16.23
C VAL B 131 -13.99 3.69 16.87
N CYS B 132 -15.00 3.36 16.05
CA CYS B 132 -16.28 3.04 16.67
C CYS B 132 -16.50 1.58 17.08
N MET B 133 -17.19 1.41 18.17
CA MET B 133 -17.45 0.14 18.73
C MET B 133 -18.59 -0.67 18.05
N ASP B 134 -19.75 -0.03 17.81
CA ASP B 134 -20.85 -0.74 17.30
C ASP B 134 -21.75 0.34 16.66
N PRO B 135 -21.37 0.85 15.48
CA PRO B 135 -21.91 2.19 15.09
C PRO B 135 -23.40 2.13 14.64
N GLY B 136 -23.96 0.92 14.39
CA GLY B 136 -25.35 0.74 14.17
C GLY B 136 -26.19 0.82 15.44
N LEU B 137 -25.52 0.80 16.55
CA LEU B 137 -26.21 0.79 17.84
C LEU B 137 -25.85 2.01 18.65
N SER B 138 -24.58 2.37 18.77
CA SER B 138 -24.13 3.36 19.77
C SER B 138 -23.15 4.32 19.17
N ASN B 139 -22.93 5.43 19.87
CA ASN B 139 -21.88 6.33 19.44
C ASN B 139 -20.55 6.02 20.06
N CYS B 140 -20.42 4.85 20.72
CA CYS B 140 -19.24 4.56 21.50
C CYS B 140 -17.97 4.43 20.66
N THR B 141 -16.92 5.11 21.13
CA THR B 141 -15.65 5.05 20.50
C THR B 141 -14.54 4.81 21.50
N ILE B 142 -13.39 4.30 20.93
CA ILE B 142 -12.18 4.05 21.70
C ILE B 142 -10.99 4.42 20.87
N HIS B 143 -9.86 4.61 21.57
CA HIS B 143 -8.57 4.58 20.87
C HIS B 143 -7.95 3.20 21.14
N ILE B 144 -7.47 2.56 20.11
CA ILE B 144 -6.74 1.32 20.21
C ILE B 144 -5.25 1.75 20.39
N VAL B 145 -4.65 1.29 21.45
CA VAL B 145 -3.28 1.73 21.76
C VAL B 145 -2.44 0.47 21.83
N THR B 146 -1.47 0.39 20.91
CA THR B 146 -0.50 -0.71 20.87
C THR B 146 0.62 -0.39 21.85
N VAL B 147 0.93 -1.33 22.74
CA VAL B 147 1.90 -1.10 23.82
C VAL B 147 2.79 -2.31 23.84
N THR B 148 4.10 -2.09 23.97
CA THR B 148 5.00 -3.23 24.15
C THR B 148 5.35 -3.31 25.63
N ILE B 149 5.58 -4.50 26.11
CA ILE B 149 5.90 -4.70 27.48
C ILE B 149 7.23 -5.46 27.51
N ASN B 150 8.25 -4.90 28.18
CA ASN B 150 9.54 -5.58 28.25
C ASN B 150 9.48 -6.48 29.41
N GLY B 151 9.20 -7.76 29.15
CA GLY B 151 8.93 -8.70 30.14
C GLY B 151 10.19 -9.13 30.89
N ASP B 152 11.36 -8.72 30.44
CA ASP B 152 12.63 -9.05 31.09
C ASP B 152 13.06 -7.96 32.09
N ASP B 153 12.39 -6.80 32.09
CA ASP B 153 12.66 -5.71 33.04
C ASP B 153 12.16 -6.13 34.39
N ALA B 154 12.84 -5.66 35.43
CA ALA B 154 12.48 -6.06 36.77
C ALA B 154 11.07 -5.59 37.19
N GLU B 155 10.62 -4.44 36.69
CA GLU B 155 9.30 -3.96 37.10
C GLU B 155 8.15 -4.88 36.59
N ASN B 156 8.42 -5.68 35.56
CA ASN B 156 7.42 -6.66 34.99
C ASN B 156 7.69 -8.12 35.39
N ALA B 157 8.56 -8.33 36.39
CA ALA B 157 8.81 -9.68 36.88
C ALA B 157 7.62 -10.27 37.62
N ARG B 158 7.17 -9.52 38.61
CA ARG B 158 6.01 -9.87 39.44
C ARG B 158 5.00 -8.77 39.14
N PRO B 159 4.24 -8.91 38.02
CA PRO B 159 3.26 -7.86 37.70
C PRO B 159 2.16 -7.74 38.80
N LYS B 160 2.08 -6.57 39.45
CA LYS B 160 1.09 -6.26 40.48
C LYS B 160 -0.22 -5.59 39.96
N PRO B 161 -1.31 -6.37 39.64
CA PRO B 161 -2.61 -5.76 39.18
C PRO B 161 -3.33 -4.94 40.24
N LYS B 162 -3.63 -3.67 39.97
CA LYS B 162 -4.34 -2.77 40.92
C LYS B 162 -5.85 -2.59 40.54
N PRO B 163 -6.70 -3.58 40.86
CA PRO B 163 -8.12 -3.46 40.56
C PRO B 163 -8.80 -2.39 41.41
N GLY B 164 -9.43 -1.43 40.75
CA GLY B 164 -10.31 -0.48 41.42
C GLY B 164 -11.54 -1.16 42.01
N ASP B 165 -12.41 -0.34 42.61
CA ASP B 165 -13.64 -0.86 43.21
C ASP B 165 -14.47 -1.61 42.15
N GLY B 166 -14.80 -2.87 42.44
CA GLY B 166 -15.66 -3.66 41.58
C GLY B 166 -15.04 -4.27 40.33
N GLU B 167 -13.71 -4.17 40.18
CA GLU B 167 -13.03 -4.87 39.11
C GLU B 167 -12.42 -6.19 39.62
N PHE B 168 -12.51 -7.22 38.79
CA PHE B 168 -12.12 -8.57 39.17
C PHE B 168 -11.70 -9.25 37.86
N VAL B 169 -10.41 -9.09 37.55
CA VAL B 169 -9.84 -9.36 36.26
C VAL B 169 -8.77 -10.45 36.35
N GLU B 170 -8.87 -11.45 35.50
CA GLU B 170 -7.86 -12.50 35.34
C GLU B 170 -7.05 -12.18 34.10
N VAL B 171 -5.75 -12.43 34.17
CA VAL B 171 -4.87 -12.13 33.07
C VAL B 171 -4.64 -13.43 32.28
N ILE B 172 -4.68 -13.35 30.94
CA ILE B 172 -4.44 -14.53 30.06
C ILE B 172 -3.51 -14.02 28.94
N SER B 173 -2.27 -14.52 28.94
CA SER B 173 -1.33 -14.26 27.90
C SER B 173 -1.23 -15.37 26.94
N LEU B 174 -1.34 -15.06 25.67
CA LEU B 174 -1.37 -16.06 24.67
C LEU B 174 -0.36 -15.76 23.64
N PRO B 175 0.26 -16.80 23.03
CA PRO B 175 1.22 -16.48 22.03
C PRO B 175 0.63 -15.79 20.79
N LYS B 176 1.27 -14.71 20.34
CA LYS B 176 0.82 -13.97 19.17
C LYS B 176 0.79 -14.89 17.94
N ASN B 177 1.87 -15.68 17.74
CA ASN B 177 1.92 -16.53 16.53
C ASN B 177 0.86 -17.67 16.44
N ASP B 178 0.09 -17.96 17.50
CA ASP B 178 -0.97 -18.97 17.39
C ASP B 178 -2.30 -18.44 17.96
N LEU B 179 -2.45 -17.10 17.99
CA LEU B 179 -3.48 -16.49 18.84
C LEU B 179 -4.86 -17.05 18.53
N LEU B 180 -5.20 -17.11 17.24
CA LEU B 180 -6.55 -17.54 16.86
C LEU B 180 -6.93 -18.97 17.28
N GLN B 181 -6.01 -19.91 17.08
CA GLN B 181 -6.20 -21.28 17.58
C GLN B 181 -6.27 -21.34 19.09
N ARG B 182 -5.44 -20.55 19.79
CA ARG B 182 -5.55 -20.50 21.24
C ARG B 182 -6.86 -19.94 21.74
N LEU B 183 -7.39 -18.92 21.06
CA LEU B 183 -8.67 -18.40 21.48
C LEU B 183 -9.82 -19.38 21.20
N ASP B 184 -9.80 -19.97 20.04
CA ASP B 184 -10.83 -21.01 19.70
C ASP B 184 -10.79 -22.11 20.79
N ALA B 185 -9.58 -22.47 21.23
CA ALA B 185 -9.46 -23.53 22.25
C ALA B 185 -10.10 -23.14 23.56
N LEU B 186 -9.93 -21.88 23.96
CA LEU B 186 -10.59 -21.40 25.19
C LEU B 186 -12.08 -21.35 25.11
N VAL B 187 -12.61 -20.93 23.97
CA VAL B 187 -14.03 -20.93 23.74
C VAL B 187 -14.62 -22.35 23.80
N ALA B 188 -13.92 -23.32 23.22
CA ALA B 188 -14.45 -24.70 23.18
C ALA B 188 -14.39 -25.36 24.58
N GLU B 189 -13.38 -25.06 25.36
CA GLU B 189 -13.20 -25.68 26.66
C GLU B 189 -13.82 -24.90 27.82
N GLU B 190 -13.71 -23.58 27.82
CA GLU B 190 -14.01 -22.74 29.02
C GLU B 190 -15.39 -22.02 28.95
N HIS B 191 -16.15 -22.18 27.84
CA HIS B 191 -17.42 -21.44 27.59
C HIS B 191 -17.40 -19.93 27.91
N LEU B 192 -16.45 -19.27 27.28
CA LEU B 192 -16.20 -17.86 27.34
C LEU B 192 -16.62 -17.20 25.98
N THR B 193 -16.77 -15.89 26.00
CA THR B 193 -17.01 -15.16 24.77
C THR B 193 -15.77 -14.31 24.49
N VAL B 194 -15.19 -14.50 23.30
CA VAL B 194 -14.11 -13.68 22.89
C VAL B 194 -14.67 -12.37 22.31
N ASP B 195 -14.03 -11.29 22.63
CA ASP B 195 -14.26 -10.00 22.08
C ASP B 195 -14.00 -9.84 20.59
N ALA B 196 -14.87 -9.11 19.88
CA ALA B 196 -14.78 -9.04 18.44
C ALA B 196 -13.49 -8.37 17.92
N ARG B 197 -13.00 -7.35 18.67
CA ARG B 197 -11.76 -6.76 18.29
C ARG B 197 -10.57 -7.77 18.46
N VAL B 198 -10.54 -8.43 19.58
CA VAL B 198 -9.54 -9.51 19.82
C VAL B 198 -9.60 -10.52 18.68
N TYR B 199 -10.79 -11.00 18.35
CA TYR B 199 -10.91 -12.00 17.35
C TYR B 199 -10.49 -11.50 15.95
N SER B 200 -10.82 -10.25 15.63
CA SER B 200 -10.47 -9.66 14.39
C SER B 200 -8.97 -9.55 14.24
N TYR B 201 -8.32 -9.11 15.31
CA TYR B 201 -6.81 -9.05 15.38
C TYR B 201 -6.19 -10.44 15.11
N ALA B 202 -6.72 -11.43 15.82
CA ALA B 202 -6.29 -12.79 15.68
C ALA B 202 -6.44 -13.35 14.30
N LEU B 203 -7.59 -13.05 13.65
CA LEU B 203 -7.83 -13.48 12.32
C LEU B 203 -6.81 -12.91 11.39
N ALA B 204 -6.57 -11.60 11.52
CA ALA B 204 -5.65 -10.94 10.61
C ALA B 204 -4.21 -11.43 10.77
N LEU B 205 -3.84 -11.82 12.00
CA LEU B 205 -2.45 -12.43 12.14
C LEU B 205 -2.35 -13.68 11.30
N LYS B 206 -3.40 -14.50 11.30
CA LYS B 206 -3.42 -15.65 10.36
C LYS B 206 -3.53 -15.26 8.87
N HIS B 207 -4.34 -14.29 8.51
CA HIS B 207 -4.56 -13.93 7.14
C HIS B 207 -3.38 -13.13 6.47
N ALA B 208 -2.51 -12.56 7.30
CA ALA B 208 -1.37 -11.81 6.79
C ALA B 208 -0.51 -12.66 5.81
N ASN B 209 0.05 -11.91 4.86
CA ASN B 209 1.04 -12.31 3.84
C ASN B 209 0.38 -13.04 2.67
N GLN C 16 0.72 -15.46 -18.93
CA GLN C 16 2.16 -15.81 -19.18
C GLN C 16 2.93 -16.03 -17.85
N TYR C 17 3.95 -16.90 -17.84
CA TYR C 17 4.71 -17.15 -16.62
C TYR C 17 6.03 -17.79 -16.94
N ILE C 18 6.93 -17.72 -15.96
CA ILE C 18 8.27 -18.22 -16.05
C ILE C 18 8.23 -19.71 -15.78
N ILE C 19 8.80 -20.51 -16.68
CA ILE C 19 8.96 -21.97 -16.49
C ILE C 19 10.32 -22.28 -15.80
N SER C 20 11.39 -21.65 -16.24
CA SER C 20 12.73 -21.98 -15.76
C SER C 20 13.74 -20.91 -16.10
N GLU C 21 14.72 -20.76 -15.20
CA GLU C 21 15.85 -19.83 -15.33
C GLU C 21 17.16 -20.63 -15.29
N GLU C 22 17.70 -20.88 -16.49
CA GLU C 22 18.92 -21.64 -16.73
C GLU C 22 20.12 -20.69 -16.82
N LEU C 23 21.12 -20.93 -15.98
CA LEU C 23 22.30 -20.08 -15.89
C LEU C 23 23.37 -20.29 -16.99
N ILE C 24 23.48 -19.32 -17.91
CA ILE C 24 24.44 -19.37 -19.04
C ILE C 24 25.85 -18.89 -18.70
N SER C 25 25.98 -17.93 -17.78
CA SER C 25 27.30 -17.47 -17.28
C SER C 25 27.16 -16.49 -16.12
N GLU C 26 28.09 -16.57 -15.17
CA GLU C 26 28.03 -15.75 -13.95
C GLU C 26 29.37 -15.16 -13.66
N GLY C 27 29.44 -13.84 -13.63
CA GLY C 27 30.61 -13.15 -13.20
C GLY C 27 30.40 -12.73 -11.78
N LYS C 28 31.28 -11.86 -11.31
CA LYS C 28 31.20 -11.28 -9.96
C LYS C 28 30.03 -10.28 -9.75
N TRP C 29 29.69 -9.53 -10.81
CA TRP C 29 28.64 -8.45 -10.73
C TRP C 29 27.38 -8.68 -11.53
N VAL C 30 27.48 -9.44 -12.62
CA VAL C 30 26.34 -9.64 -13.55
C VAL C 30 26.27 -11.13 -13.92
N LYS C 31 25.08 -11.59 -14.32
CA LYS C 31 24.90 -12.94 -14.84
C LYS C 31 24.04 -12.89 -16.09
N LEU C 32 24.19 -13.89 -16.95
CA LEU C 32 23.38 -14.05 -18.13
C LEU C 32 22.55 -15.31 -17.86
N GLU C 33 21.30 -15.36 -18.34
CA GLU C 33 20.45 -16.55 -18.21
C GLU C 33 19.60 -16.90 -19.40
N LYS C 34 19.23 -18.18 -19.46
CA LYS C 34 18.31 -18.71 -20.49
C LYS C 34 16.99 -18.74 -19.77
N THR C 35 16.01 -17.98 -20.25
CA THR C 35 14.68 -17.92 -19.64
C THR C 35 13.68 -18.66 -20.52
N THR C 36 12.85 -19.51 -19.93
CA THR C 36 11.82 -20.25 -20.68
C THR C 36 10.46 -19.91 -20.02
N TYR C 37 9.49 -19.58 -20.87
CA TYR C 37 8.26 -18.88 -20.48
C TYR C 37 7.10 -19.37 -21.35
N MET C 38 5.90 -19.47 -20.78
CA MET C 38 4.70 -19.81 -21.57
C MET C 38 4.15 -18.53 -22.10
N ASP C 39 3.94 -18.48 -23.41
CA ASP C 39 3.28 -17.33 -24.01
C ASP C 39 1.81 -17.41 -23.81
N PRO C 40 1.08 -16.35 -24.24
CA PRO C 40 -0.36 -16.30 -23.99
C PRO C 40 -1.21 -17.36 -24.78
N THR C 41 -0.78 -17.75 -25.98
CA THR C 41 -1.46 -18.81 -26.75
C THR C 41 -1.27 -20.19 -26.09
N GLY C 42 -0.10 -20.45 -25.50
CA GLY C 42 0.28 -21.78 -24.94
C GLY C 42 1.63 -22.31 -25.42
N LYS C 43 2.26 -21.67 -26.43
CA LYS C 43 3.61 -22.01 -26.89
C LYS C 43 4.63 -21.58 -25.83
N THR C 44 5.36 -22.58 -25.34
CA THR C 44 6.61 -22.43 -24.58
C THR C 44 7.63 -21.63 -25.46
N ARG C 45 8.32 -20.57 -24.93
CA ARG C 45 9.26 -19.77 -25.75
C ARG C 45 10.49 -19.48 -24.97
N THR C 46 11.45 -18.81 -25.58
CA THR C 46 12.66 -18.55 -24.87
C THR C 46 13.18 -17.09 -25.02
N TRP C 47 14.05 -16.72 -24.10
CA TRP C 47 14.61 -15.33 -23.99
C TRP C 47 15.95 -15.35 -23.27
N GLU C 48 16.85 -14.45 -23.65
CA GLU C 48 18.12 -14.27 -22.93
C GLU C 48 18.03 -13.08 -21.97
N SER C 49 18.22 -13.35 -20.68
CA SER C 49 17.96 -12.37 -19.60
C SER C 49 19.19 -12.09 -18.80
N VAL C 50 19.34 -10.84 -18.41
CA VAL C 50 20.41 -10.43 -17.56
C VAL C 50 19.92 -10.06 -16.17
N LYS C 51 20.73 -10.39 -15.15
CA LYS C 51 20.45 -10.06 -13.76
C LYS C 51 21.76 -9.69 -13.04
N ARG C 52 21.69 -8.77 -12.08
CA ARG C 52 22.89 -8.44 -11.24
C ARG C 52 23.06 -9.50 -10.19
N THR C 53 24.26 -9.62 -9.61
CA THR C 53 24.49 -10.64 -8.58
C THR C 53 24.38 -10.14 -7.17
N THR C 54 24.27 -8.83 -7.01
CA THR C 54 24.50 -8.10 -5.78
C THR C 54 23.13 -7.89 -5.04
N ARG C 55 21.98 -8.23 -5.68
CA ARG C 55 20.61 -7.97 -5.16
C ARG C 55 20.15 -8.96 -4.07
N LYS C 56 19.83 -8.42 -2.89
CA LYS C 56 19.30 -9.19 -1.74
C LYS C 56 17.78 -9.00 -1.66
N GLN C 58 16.20 -6.46 -0.60
CA GLN C 58 16.49 -5.23 -1.32
C GLN C 58 15.28 -4.93 -2.17
N THR C 59 14.69 -3.72 -2.00
CA THR C 59 13.49 -3.29 -2.77
C THR C 59 13.77 -3.21 -4.29
N ALA C 60 15.04 -2.97 -4.60
CA ALA C 60 15.51 -2.79 -5.94
C ALA C 60 17.05 -2.89 -5.90
N ASP C 61 17.65 -2.98 -7.08
CA ASP C 61 19.08 -2.98 -7.12
C ASP C 61 19.65 -1.63 -6.67
N GLY C 62 19.06 -0.54 -7.16
CA GLY C 62 19.73 0.75 -6.90
C GLY C 62 18.76 1.89 -6.69
N VAL C 63 19.33 3.07 -6.53
CA VAL C 63 18.52 4.29 -6.52
C VAL C 63 19.11 5.25 -7.57
N ALA C 64 18.26 6.10 -8.08
CA ALA C 64 18.70 7.28 -8.87
C ALA C 64 18.04 8.48 -8.22
N VAL C 65 18.77 9.57 -8.14
CA VAL C 65 18.40 10.68 -7.37
C VAL C 65 18.13 11.77 -8.38
N ILE C 66 16.93 12.34 -8.29
CA ILE C 66 16.59 13.56 -9.00
C ILE C 66 16.81 14.77 -8.05
N PRO C 67 17.95 15.50 -8.12
CA PRO C 67 18.34 16.44 -7.08
C PRO C 67 18.04 17.84 -7.55
N VAL C 68 17.06 18.41 -6.94
CA VAL C 68 16.57 19.71 -7.37
C VAL C 68 17.17 20.78 -6.43
N LEU C 69 18.09 21.52 -7.01
CA LEU C 69 18.82 22.59 -6.31
C LEU C 69 17.93 23.83 -6.29
N GLN C 70 17.52 24.23 -5.08
CA GLN C 70 16.58 25.31 -4.83
C GLN C 70 17.29 26.46 -4.13
N ARG C 71 17.08 27.65 -4.62
CA ARG C 71 17.80 28.86 -4.09
C ARG C 71 16.85 30.01 -4.17
N THR C 72 16.91 30.90 -3.20
CA THR C 72 15.96 32.06 -3.14
C THR C 72 15.95 32.85 -4.40
N LEU C 73 17.14 33.10 -4.92
CA LEU C 73 17.28 34.08 -6.03
C LEU C 73 17.19 33.54 -7.40
N HIS C 74 17.07 32.20 -7.53
CA HIS C 74 17.28 31.56 -8.82
C HIS C 74 16.15 30.58 -9.15
N TYR C 75 16.00 30.33 -10.44
CA TYR C 75 15.21 29.17 -10.93
C TYR C 75 15.92 27.89 -10.46
N GLU C 76 15.16 26.81 -10.40
CA GLU C 76 15.72 25.53 -9.87
C GLU C 76 16.68 24.99 -10.89
N CYS C 77 17.70 24.27 -10.38
CA CYS C 77 18.54 23.44 -11.24
C CYS C 77 18.38 22.00 -10.90
N ILE C 78 18.74 21.17 -11.86
CA ILE C 78 18.80 19.72 -11.69
C ILE C 78 20.30 19.41 -11.66
N VAL C 79 20.73 18.67 -10.66
CA VAL C 79 22.18 18.36 -10.45
C VAL C 79 22.43 17.01 -11.10
N LEU C 80 23.34 16.93 -12.05
CA LEU C 80 23.62 15.67 -12.77
C LEU C 80 25.12 15.39 -12.58
N VAL C 81 25.51 14.19 -12.92
CA VAL C 81 26.90 13.81 -12.84
C VAL C 81 27.35 13.28 -14.14
N LYS C 82 28.64 13.52 -14.43
CA LYS C 82 29.27 12.97 -15.59
C LYS C 82 30.46 12.06 -15.12
N GLN C 83 30.47 10.91 -15.70
CA GLN C 83 31.44 9.91 -15.41
C GLN C 83 31.73 9.04 -16.60
N PHE C 84 32.92 8.46 -16.56
CA PHE C 84 33.27 7.47 -17.53
C PHE C 84 32.60 6.16 -17.17
N ARG C 85 31.97 5.53 -18.12
CA ARG C 85 31.22 4.26 -17.97
C ARG C 85 31.81 3.22 -18.85
N PRO C 86 32.51 2.20 -18.25
CA PRO C 86 33.20 1.19 -19.11
C PRO C 86 32.36 0.47 -20.10
N PRO C 87 31.10 0.07 -19.75
CA PRO C 87 30.31 -0.57 -20.74
C PRO C 87 30.02 0.30 -21.97
N MET C 88 29.95 1.61 -21.79
CA MET C 88 29.67 2.49 -22.92
C MET C 88 30.94 2.89 -23.67
N GLY C 89 32.08 2.67 -23.06
CA GLY C 89 33.35 3.17 -23.60
C GLY C 89 33.45 4.66 -23.79
N GLY C 90 32.76 5.41 -22.92
CA GLY C 90 32.81 6.87 -22.97
C GLY C 90 32.07 7.45 -21.79
N TYR C 91 31.94 8.77 -21.83
CA TYR C 91 31.37 9.56 -20.74
C TYR C 91 29.88 9.66 -20.86
N CYS C 92 29.22 9.57 -19.67
CA CYS C 92 27.75 9.66 -19.59
C CYS C 92 27.32 10.68 -18.66
N ILE C 93 26.18 11.34 -19.01
CA ILE C 93 25.55 12.29 -18.16
C ILE C 93 24.28 11.62 -17.51
N GLU C 94 24.24 11.60 -16.21
CA GLU C 94 23.19 10.80 -15.46
C GLU C 94 22.74 11.52 -14.24
N PHE C 95 21.61 11.04 -13.68
CA PHE C 95 21.33 11.35 -12.31
C PHE C 95 22.35 10.66 -11.37
N PRO C 96 22.70 11.32 -10.29
CA PRO C 96 23.47 10.64 -9.18
C PRO C 96 22.78 9.32 -8.82
N ALA C 97 23.54 8.25 -8.70
CA ALA C 97 22.97 6.99 -8.53
C ALA C 97 23.95 6.02 -7.88
N GLY C 98 23.39 4.95 -7.29
CA GLY C 98 24.24 3.86 -6.87
C GLY C 98 23.42 2.72 -6.29
N LEU C 99 24.05 1.58 -6.14
CA LEU C 99 23.35 0.40 -5.57
C LEU C 99 23.00 0.64 -4.10
N ILE C 100 21.87 0.08 -3.68
CA ILE C 100 21.44 0.17 -2.26
C ILE C 100 22.24 -0.82 -1.39
N ASP C 101 22.95 -0.32 -0.37
CA ASP C 101 23.75 -1.17 0.51
C ASP C 101 22.79 -2.12 1.26
N ASP C 102 23.33 -3.23 1.75
CA ASP C 102 22.55 -4.18 2.58
C ASP C 102 21.99 -3.51 3.84
N GLY C 103 20.69 -3.63 4.04
CA GLY C 103 20.04 -3.05 5.25
C GLY C 103 19.68 -1.58 5.13
N GLU C 104 20.04 -0.96 4.01
CA GLU C 104 19.83 0.48 3.78
C GLU C 104 18.49 0.72 3.17
N THR C 105 17.77 1.74 3.62
CA THR C 105 16.55 2.14 2.92
C THR C 105 16.90 2.84 1.52
N PRO C 106 15.95 2.82 0.58
CA PRO C 106 16.22 3.59 -0.65
C PRO C 106 16.49 5.05 -0.35
N GLU C 107 15.75 5.59 0.63
CA GLU C 107 15.86 6.98 0.95
C GLU C 107 17.27 7.31 1.49
N ALA C 108 17.81 6.47 2.35
CA ALA C 108 19.11 6.70 2.97
C ALA C 108 20.16 6.56 1.86
N ALA C 109 20.00 5.55 1.03
CA ALA C 109 20.89 5.33 -0.13
C ALA C 109 20.95 6.59 -1.03
N ALA C 110 19.79 7.20 -1.23
CA ALA C 110 19.71 8.34 -2.11
C ALA C 110 20.49 9.54 -1.53
N LEU C 111 20.28 9.82 -0.25
CA LEU C 111 21.00 10.95 0.38
C LEU C 111 22.52 10.69 0.48
N ARG C 112 22.88 9.43 0.77
CA ARG C 112 24.28 9.04 0.79
C ARG C 112 24.95 9.16 -0.57
N GLU C 113 24.39 8.51 -1.58
CA GLU C 113 24.95 8.59 -2.93
C GLU C 113 24.96 10.05 -3.43
N LEU C 114 23.93 10.82 -3.07
CA LEU C 114 23.92 12.25 -3.51
C LEU C 114 25.12 13.00 -2.91
N GLU C 115 25.30 12.84 -1.60
CA GLU C 115 26.38 13.53 -0.91
C GLU C 115 27.75 13.08 -1.42
N GLU C 116 27.92 11.77 -1.63
CA GLU C 116 29.18 11.23 -2.11
C GLU C 116 29.57 11.76 -3.48
N GLU C 117 28.58 11.84 -4.38
CA GLU C 117 28.83 12.04 -5.76
C GLU C 117 28.89 13.55 -6.11
N THR C 118 28.19 14.35 -5.34
CA THR C 118 28.07 15.79 -5.59
C THR C 118 28.46 16.70 -4.45
N GLY C 119 28.52 16.21 -3.20
CA GLY C 119 28.69 17.02 -2.02
C GLY C 119 27.50 17.73 -1.46
N TYR C 120 26.35 17.71 -2.19
CA TYR C 120 25.19 18.32 -1.67
C TYR C 120 24.54 17.52 -0.54
N LYS C 121 24.08 18.21 0.45
CA LYS C 121 23.25 17.65 1.47
C LYS C 121 21.79 17.97 1.17
N GLY C 122 20.99 16.93 0.92
CA GLY C 122 19.59 17.11 0.58
C GLY C 122 18.56 16.56 1.55
N ASP C 123 17.31 16.72 1.18
CA ASP C 123 16.17 16.38 1.97
C ASP C 123 15.24 15.55 1.01
N ILE C 124 14.79 14.38 1.46
CA ILE C 124 13.89 13.59 0.64
C ILE C 124 12.59 14.33 0.36
N ALA C 125 12.19 14.36 -0.92
CA ALA C 125 10.87 14.81 -1.34
C ALA C 125 9.89 13.66 -1.61
N GLU C 126 10.34 12.67 -2.34
CA GLU C 126 9.40 11.63 -2.81
C GLU C 126 10.28 10.43 -3.20
N CYS C 127 9.70 9.22 -3.16
CA CYS C 127 10.44 8.06 -3.59
C CYS C 127 9.48 7.17 -4.41
N SER C 128 9.89 6.79 -5.62
CA SER C 128 9.10 5.93 -6.46
C SER C 128 9.03 4.52 -5.92
N PRO C 129 8.03 3.76 -6.45
CA PRO C 129 8.17 2.32 -6.34
C PRO C 129 9.32 1.82 -7.22
N ALA C 130 9.70 0.55 -7.05
CA ALA C 130 10.67 -0.10 -7.97
C ALA C 130 10.25 -0.06 -9.42
N VAL C 131 11.13 0.53 -10.28
CA VAL C 131 10.85 0.78 -11.69
C VAL C 131 11.99 0.12 -12.48
N CYS C 132 11.59 -0.49 -13.61
CA CYS C 132 12.46 -1.34 -14.40
C CYS C 132 13.37 -0.41 -15.25
N MET C 133 14.60 -0.82 -15.41
CA MET C 133 15.57 -0.10 -16.29
C MET C 133 15.56 -0.43 -17.78
N ASP C 134 15.37 -1.71 -18.08
CA ASP C 134 15.46 -2.15 -19.47
C ASP C 134 14.85 -3.55 -19.54
N PRO C 135 13.51 -3.60 -19.45
CA PRO C 135 12.88 -4.85 -19.08
C PRO C 135 12.91 -5.98 -20.15
N GLY C 136 13.09 -5.60 -21.41
CA GLY C 136 13.39 -6.55 -22.55
C GLY C 136 14.76 -7.22 -22.40
N LEU C 137 15.58 -6.73 -21.49
CA LEU C 137 16.92 -7.20 -21.33
C LEU C 137 17.28 -7.67 -20.00
N SER C 138 16.93 -6.95 -18.94
CA SER C 138 17.46 -7.30 -17.63
C SER C 138 16.28 -7.15 -16.67
N ASN C 139 16.47 -7.67 -15.49
CA ASN C 139 15.50 -7.51 -14.37
C ASN C 139 15.79 -6.28 -13.55
N CYS C 140 16.81 -5.52 -13.91
CA CYS C 140 17.29 -4.46 -13.00
C CYS C 140 16.29 -3.40 -12.68
N THR C 141 16.24 -3.02 -11.41
CA THR C 141 15.24 -2.01 -10.95
C THR C 141 15.94 -0.94 -10.07
N ILE C 142 15.28 0.23 -10.04
CA ILE C 142 15.71 1.27 -9.12
C ILE C 142 14.53 1.86 -8.41
N HIS C 143 14.79 2.65 -7.34
CA HIS C 143 13.84 3.62 -6.93
C HIS C 143 14.38 4.98 -7.43
N ILE C 144 13.50 5.77 -7.99
CA ILE C 144 13.76 7.15 -8.39
C ILE C 144 13.37 7.99 -7.18
N VAL C 145 14.36 8.70 -6.63
CA VAL C 145 14.13 9.44 -5.43
C VAL C 145 14.39 10.92 -5.69
N THR C 146 13.33 11.70 -5.52
CA THR C 146 13.37 13.14 -5.72
C THR C 146 13.91 13.73 -4.42
N VAL C 147 14.96 14.57 -4.55
CA VAL C 147 15.62 15.11 -3.39
C VAL C 147 15.77 16.61 -3.56
N THR C 148 15.34 17.42 -2.59
CA THR C 148 15.49 18.92 -2.71
C THR C 148 16.81 19.28 -2.01
N ILE C 149 17.54 20.25 -2.54
CA ILE C 149 18.78 20.67 -1.95
C ILE C 149 18.59 22.18 -1.72
N ASN C 150 18.72 22.62 -0.48
CA ASN C 150 18.69 24.04 -0.08
C ASN C 150 20.05 24.63 -0.43
N GLY C 151 20.10 25.25 -1.58
CA GLY C 151 21.33 25.87 -2.10
C GLY C 151 21.78 27.08 -1.33
N ASP C 152 20.93 27.66 -0.52
CA ASP C 152 21.22 28.88 0.27
C ASP C 152 21.68 28.56 1.68
N ASP C 153 21.64 27.28 2.04
CA ASP C 153 22.12 26.87 3.34
C ASP C 153 23.63 26.90 3.30
N ALA C 154 24.17 27.53 4.34
CA ALA C 154 25.60 27.64 4.46
C ALA C 154 26.27 26.23 4.29
N GLU C 155 25.68 25.19 4.88
CA GLU C 155 26.22 23.82 4.68
C GLU C 155 26.33 23.35 3.22
N ASN C 156 25.53 23.93 2.32
CA ASN C 156 25.69 23.66 0.94
C ASN C 156 26.51 24.72 0.18
N ALA C 157 27.21 25.62 0.88
CA ALA C 157 27.98 26.67 0.16
C ALA C 157 29.10 26.13 -0.78
N ARG C 158 29.81 25.12 -0.33
CA ARG C 158 31.01 24.74 -1.05
C ARG C 158 30.97 23.24 -1.15
N PRO C 159 29.96 22.70 -1.82
CA PRO C 159 29.89 21.27 -1.87
C PRO C 159 31.12 20.58 -2.51
N LYS C 160 31.53 19.47 -1.93
CA LYS C 160 32.69 18.72 -2.45
C LYS C 160 32.36 17.26 -2.41
N PRO C 161 32.36 16.61 -3.55
CA PRO C 161 32.08 15.21 -3.53
C PRO C 161 33.10 14.53 -2.68
N LYS C 162 32.71 13.44 -2.02
CA LYS C 162 33.63 12.51 -1.30
C LYS C 162 33.43 11.13 -1.96
N PRO C 163 34.02 10.91 -3.15
CA PRO C 163 33.71 9.73 -3.93
C PRO C 163 34.50 8.50 -3.49
N GLY C 164 33.96 7.32 -3.78
CA GLY C 164 34.66 6.05 -3.49
C GLY C 164 35.98 5.97 -4.25
N ASP C 165 36.94 5.19 -3.74
CA ASP C 165 38.09 4.75 -4.55
C ASP C 165 37.56 4.13 -5.84
N GLY C 166 38.14 4.47 -6.98
CA GLY C 166 37.53 4.06 -8.26
C GLY C 166 36.37 4.92 -8.82
N GLU C 167 35.71 5.75 -8.00
CA GLU C 167 34.66 6.68 -8.51
C GLU C 167 35.30 8.05 -8.87
N PHE C 168 35.03 8.51 -10.09
CA PHE C 168 35.60 9.74 -10.61
C PHE C 168 34.40 10.49 -11.22
N VAL C 169 33.92 11.51 -10.52
CA VAL C 169 32.62 12.15 -10.88
C VAL C 169 32.77 13.62 -11.00
N GLU C 170 32.19 14.20 -12.06
CA GLU C 170 32.10 15.62 -12.24
C GLU C 170 30.64 16.00 -12.14
N VAL C 171 30.41 17.12 -11.49
CA VAL C 171 29.07 17.61 -11.20
C VAL C 171 28.74 18.66 -12.24
N ILE C 172 27.54 18.54 -12.80
CA ILE C 172 26.99 19.55 -13.72
C ILE C 172 25.56 19.88 -13.19
N SER C 173 25.29 21.15 -12.94
CA SER C 173 23.96 21.66 -12.54
C SER C 173 23.35 22.43 -13.70
N LEU C 174 22.18 21.99 -14.19
CA LEU C 174 21.54 22.66 -15.36
C LEU C 174 20.15 23.17 -14.95
N PRO C 175 19.69 24.31 -15.52
CA PRO C 175 18.44 24.93 -15.05
C PRO C 175 17.29 24.02 -15.47
N LYS C 176 16.38 23.74 -14.56
CA LYS C 176 15.28 22.85 -14.81
C LYS C 176 14.41 23.38 -16.00
N ASN C 177 14.26 24.70 -16.05
CA ASN C 177 13.46 25.34 -17.11
C ASN C 177 14.12 25.41 -18.50
N ASP C 178 15.32 24.91 -18.64
CA ASP C 178 15.94 24.80 -19.97
C ASP C 178 16.71 23.48 -20.13
N LEU C 179 16.24 22.39 -19.50
CA LEU C 179 17.09 21.18 -19.35
C LEU C 179 17.48 20.56 -20.64
N LEU C 180 16.49 20.30 -21.51
CA LEU C 180 16.69 19.57 -22.70
C LEU C 180 17.64 20.30 -23.65
N GLN C 181 17.46 21.61 -23.79
CA GLN C 181 18.34 22.46 -24.64
C GLN C 181 19.77 22.49 -24.10
N ARG C 182 19.88 22.55 -22.80
CA ARG C 182 21.17 22.53 -22.18
C ARG C 182 21.88 21.19 -22.27
N LEU C 183 21.13 20.06 -22.15
CA LEU C 183 21.67 18.75 -22.44
C LEU C 183 22.10 18.63 -23.92
N ASP C 184 21.25 19.08 -24.84
CA ASP C 184 21.59 19.13 -26.28
C ASP C 184 22.91 19.82 -26.52
N ALA C 185 23.12 20.97 -25.90
CA ALA C 185 24.34 21.75 -26.07
C ALA C 185 25.58 21.15 -25.42
N LEU C 186 25.45 20.33 -24.37
CA LEU C 186 26.62 19.55 -23.91
C LEU C 186 27.04 18.45 -24.87
N VAL C 187 26.04 17.78 -25.40
CA VAL C 187 26.16 16.70 -26.39
C VAL C 187 26.82 17.19 -27.70
N ALA C 188 26.61 18.45 -28.03
CA ALA C 188 27.20 19.08 -29.23
C ALA C 188 28.65 19.44 -29.01
N GLU C 189 28.98 19.92 -27.80
CA GLU C 189 30.33 20.32 -27.46
C GLU C 189 31.32 19.11 -27.44
N GLU C 190 30.92 17.93 -26.91
CA GLU C 190 31.82 16.76 -26.74
C GLU C 190 31.09 15.44 -27.00
N HIS C 191 31.83 14.35 -27.23
CA HIS C 191 31.24 13.01 -27.30
C HIS C 191 30.87 12.57 -25.88
N LEU C 192 29.59 12.69 -25.60
CA LEU C 192 29.06 12.20 -24.37
C LEU C 192 27.66 11.72 -24.63
N THR C 193 27.19 10.82 -23.78
CA THR C 193 25.88 10.20 -23.94
C THR C 193 25.02 10.62 -22.73
N VAL C 194 23.78 11.06 -22.98
CA VAL C 194 22.85 11.36 -21.94
C VAL C 194 22.06 10.07 -21.61
N ASP C 195 21.86 9.89 -20.32
CA ASP C 195 21.04 8.80 -19.80
C ASP C 195 19.55 8.92 -20.22
N ALA C 196 18.98 7.79 -20.56
CA ALA C 196 17.58 7.75 -21.04
C ALA C 196 16.57 8.27 -20.01
N ARG C 197 16.83 8.04 -18.73
CA ARG C 197 15.92 8.61 -17.67
C ARG C 197 16.04 10.07 -17.59
N VAL C 198 17.26 10.58 -17.66
CA VAL C 198 17.50 12.00 -17.70
C VAL C 198 16.81 12.66 -18.91
N TYR C 199 16.96 12.09 -20.10
CA TYR C 199 16.38 12.64 -21.28
C TYR C 199 14.82 12.60 -21.26
N SER C 200 14.29 11.55 -20.73
CA SER C 200 12.81 11.39 -20.57
C SER C 200 12.29 12.45 -19.65
N TYR C 201 13.04 12.67 -18.57
CA TYR C 201 12.71 13.74 -17.64
C TYR C 201 12.73 15.11 -18.32
N ALA C 202 13.83 15.42 -19.03
CA ALA C 202 13.94 16.69 -19.76
C ALA C 202 12.83 16.85 -20.79
N LEU C 203 12.47 15.78 -21.43
CA LEU C 203 11.42 15.93 -22.52
C LEU C 203 10.07 16.32 -21.86
N ALA C 204 9.75 15.66 -20.78
CA ALA C 204 8.45 15.97 -20.07
C ALA C 204 8.43 17.38 -19.54
N LEU C 205 9.59 17.89 -19.06
CA LEU C 205 9.62 19.26 -18.59
C LEU C 205 9.24 20.17 -19.75
N LYS C 206 9.78 19.90 -20.93
CA LYS C 206 9.49 20.68 -22.18
C LYS C 206 8.02 20.54 -22.59
N HIS C 207 7.52 19.33 -22.51
CA HIS C 207 6.10 19.04 -22.96
C HIS C 207 5.02 19.46 -22.00
N ALA C 208 5.36 19.67 -20.73
CA ALA C 208 4.35 20.08 -19.77
C ALA C 208 3.77 21.46 -20.15
N LYS D 15 40.41 11.56 -21.11
CA LYS D 15 41.08 11.42 -19.78
C LYS D 15 41.15 9.93 -19.43
N GLN D 16 40.00 9.23 -19.40
CA GLN D 16 39.94 7.76 -19.24
C GLN D 16 39.72 7.06 -20.56
N TYR D 17 40.02 5.75 -20.69
CA TYR D 17 39.81 4.99 -21.95
C TYR D 17 39.80 3.52 -21.81
N ILE D 18 39.20 2.87 -22.80
CA ILE D 18 39.10 1.39 -22.92
C ILE D 18 40.49 0.83 -23.33
N ILE D 19 41.09 -0.01 -22.51
CA ILE D 19 42.36 -0.70 -22.84
C ILE D 19 42.04 -1.99 -23.63
N SER D 20 41.05 -2.77 -23.16
CA SER D 20 40.59 -3.96 -23.87
C SER D 20 39.22 -4.52 -23.47
N GLU D 21 38.69 -5.38 -24.31
CA GLU D 21 37.37 -5.99 -24.21
C GLU D 21 37.39 -7.50 -24.47
N GLU D 22 37.22 -8.31 -23.42
CA GLU D 22 37.31 -9.78 -23.52
C GLU D 22 35.91 -10.42 -23.55
N LEU D 23 35.59 -11.14 -24.61
CA LEU D 23 34.32 -11.88 -24.69
C LEU D 23 34.32 -12.94 -23.61
N ILE D 24 33.33 -12.88 -22.71
CA ILE D 24 33.16 -13.94 -21.66
C ILE D 24 32.09 -14.92 -22.06
N SER D 25 30.95 -14.46 -22.58
CA SER D 25 29.94 -15.41 -23.12
C SER D 25 28.99 -14.69 -24.09
N GLU D 26 28.49 -15.40 -25.11
CA GLU D 26 27.75 -14.85 -26.26
C GLU D 26 26.60 -15.75 -26.75
N GLY D 27 25.35 -15.32 -26.62
CA GLY D 27 24.14 -16.06 -27.06
C GLY D 27 23.57 -15.41 -28.30
N LYS D 28 22.34 -15.76 -28.70
CA LYS D 28 21.78 -15.21 -29.94
C LYS D 28 21.55 -13.72 -29.92
N TRP D 29 21.21 -13.18 -28.74
CA TRP D 29 20.77 -11.78 -28.58
C TRP D 29 21.63 -10.88 -27.67
N VAL D 30 22.38 -11.50 -26.78
CA VAL D 30 23.00 -10.80 -25.66
C VAL D 30 24.34 -11.46 -25.34
N LYS D 31 25.34 -10.64 -24.98
CA LYS D 31 26.67 -11.12 -24.64
C LYS D 31 27.28 -10.37 -23.47
N LEU D 32 28.22 -11.02 -22.80
CA LEU D 32 28.85 -10.52 -21.60
C LEU D 32 30.34 -10.37 -21.85
N GLU D 33 31.00 -9.43 -21.17
CA GLU D 33 32.36 -9.05 -21.50
C GLU D 33 33.06 -8.53 -20.32
N LYS D 34 34.36 -8.81 -20.24
CA LYS D 34 35.22 -8.20 -19.25
C LYS D 34 35.96 -7.00 -19.87
N THR D 35 35.70 -5.81 -19.34
CA THR D 35 36.26 -4.56 -19.86
C THR D 35 37.45 -4.10 -19.05
N THR D 36 38.60 -3.89 -19.69
CA THR D 36 39.68 -3.26 -19.01
C THR D 36 39.85 -1.80 -19.36
N TYR D 37 40.15 -0.94 -18.38
CA TYR D 37 40.28 0.49 -18.66
C TYR D 37 41.20 1.28 -17.73
N MET D 38 41.59 2.48 -18.17
CA MET D 38 42.46 3.34 -17.48
C MET D 38 41.67 4.42 -16.80
N ASP D 39 41.70 4.43 -15.46
CA ASP D 39 41.16 5.53 -14.68
C ASP D 39 41.96 6.81 -14.84
N PRO D 40 41.47 7.93 -14.30
CA PRO D 40 42.25 9.16 -14.47
C PRO D 40 43.59 9.20 -13.69
N THR D 41 43.66 8.55 -12.51
CA THR D 41 44.90 8.42 -11.70
C THR D 41 46.04 7.69 -12.44
N GLY D 42 45.71 6.90 -13.48
CA GLY D 42 46.68 6.17 -14.31
C GLY D 42 46.59 4.66 -14.11
N LYS D 43 45.76 4.22 -13.19
CA LYS D 43 45.59 2.80 -12.88
C LYS D 43 44.60 2.03 -13.79
N THR D 44 44.99 0.80 -14.11
CA THR D 44 44.20 -0.16 -14.85
C THR D 44 43.08 -0.72 -13.97
N ARG D 45 41.82 -0.78 -14.43
CA ARG D 45 40.73 -1.45 -13.69
C ARG D 45 39.88 -2.31 -14.58
N THR D 46 39.00 -3.15 -14.05
CA THR D 46 38.04 -3.86 -14.92
C THR D 46 36.54 -3.65 -14.62
N TRP D 47 35.70 -4.21 -15.48
CA TRP D 47 34.23 -4.07 -15.43
C TRP D 47 33.55 -5.18 -16.14
N GLU D 48 32.39 -5.63 -15.66
CA GLU D 48 31.61 -6.59 -16.44
C GLU D 48 30.51 -5.86 -17.19
N SER D 49 30.49 -6.02 -18.51
CA SER D 49 29.63 -5.28 -19.41
C SER D 49 28.77 -6.18 -20.29
N VAL D 50 27.56 -5.74 -20.57
CA VAL D 50 26.57 -6.43 -21.30
C VAL D 50 26.37 -5.67 -22.58
N LYS D 51 26.32 -6.38 -23.71
CA LYS D 51 25.95 -5.82 -24.98
C LYS D 51 25.00 -6.73 -25.74
N ARG D 52 24.18 -6.15 -26.62
CA ARG D 52 23.39 -6.92 -27.56
C ARG D 52 24.26 -7.27 -28.76
N THR D 53 23.80 -8.25 -29.54
CA THR D 53 24.53 -8.78 -30.70
C THR D 53 24.01 -8.26 -32.02
N THR D 54 23.05 -7.32 -32.05
CA THR D 54 23.02 -6.32 -33.15
C THR D 54 23.55 -4.96 -32.72
N ALA D 60 21.74 3.32 -32.92
CA ALA D 60 21.35 2.83 -31.61
C ALA D 60 20.74 1.44 -31.67
N ASP D 61 20.58 0.73 -30.54
CA ASP D 61 19.89 -0.56 -30.56
C ASP D 61 18.40 -0.44 -30.91
N GLY D 62 17.73 0.49 -30.23
CA GLY D 62 16.27 0.67 -30.34
C GLY D 62 15.74 2.10 -30.41
N VAL D 63 14.40 2.15 -30.46
CA VAL D 63 13.63 3.34 -30.28
C VAL D 63 12.64 3.06 -29.13
N ALA D 64 12.30 4.13 -28.46
CA ALA D 64 11.11 4.18 -27.56
C ALA D 64 10.34 5.35 -28.04
N VAL D 65 9.02 5.23 -28.08
CA VAL D 65 8.13 6.25 -28.62
C VAL D 65 7.30 6.84 -27.44
N ILE D 66 7.31 8.17 -27.37
CA ILE D 66 6.42 8.89 -26.47
C ILE D 66 5.25 9.38 -27.33
N PRO D 67 4.15 8.62 -27.31
CA PRO D 67 3.04 8.97 -28.21
C PRO D 67 1.92 9.81 -27.52
N VAL D 68 1.76 11.03 -27.97
CA VAL D 68 0.79 12.01 -27.44
C VAL D 68 -0.46 12.05 -28.37
N LEU D 69 -1.53 11.48 -27.89
CA LEU D 69 -2.86 11.37 -28.63
C LEU D 69 -3.64 12.68 -28.42
N GLN D 70 -3.79 13.45 -29.48
CA GLN D 70 -4.42 14.76 -29.40
C GLN D 70 -5.80 14.78 -30.11
N ARG D 71 -6.81 15.32 -29.43
CA ARG D 71 -8.17 15.46 -30.03
C ARG D 71 -8.56 16.90 -29.67
N THR D 72 -9.01 17.70 -30.64
CA THR D 72 -9.48 19.07 -30.30
C THR D 72 -10.62 19.02 -29.29
N LEU D 73 -10.63 20.01 -28.40
CA LEU D 73 -11.62 20.06 -27.31
C LEU D 73 -11.51 18.91 -26.29
N HIS D 74 -10.36 18.20 -26.26
CA HIS D 74 -10.15 17.12 -25.28
C HIS D 74 -8.71 17.24 -24.68
N TYR D 75 -8.50 16.55 -23.58
CA TYR D 75 -7.17 16.53 -22.87
C TYR D 75 -6.32 15.58 -23.74
N GLU D 76 -5.00 15.73 -23.63
CA GLU D 76 -4.06 14.79 -24.26
C GLU D 76 -3.94 13.55 -23.41
N CYS D 77 -3.57 12.48 -24.08
CA CYS D 77 -3.35 11.19 -23.45
C CYS D 77 -1.99 10.66 -23.94
N ILE D 78 -1.34 9.87 -23.10
CA ILE D 78 -0.01 9.30 -23.42
C ILE D 78 -0.30 7.83 -23.61
N VAL D 79 0.04 7.32 -24.81
CA VAL D 79 -0.33 5.97 -25.14
C VAL D 79 0.79 5.05 -24.64
N LEU D 80 0.52 4.14 -23.75
CA LEU D 80 1.54 3.25 -23.21
C LEU D 80 1.22 1.87 -23.62
N VAL D 81 2.10 0.89 -23.31
CA VAL D 81 1.82 -0.49 -23.69
C VAL D 81 2.19 -1.33 -22.56
N LYS D 82 1.48 -2.44 -22.42
CA LYS D 82 1.75 -3.42 -21.36
C LYS D 82 2.04 -4.77 -21.98
N GLN D 83 3.08 -5.43 -21.49
CA GLN D 83 3.45 -6.78 -21.97
C GLN D 83 4.24 -7.52 -20.96
N PHE D 84 4.26 -8.85 -21.11
CA PHE D 84 5.06 -9.74 -20.27
C PHE D 84 6.51 -9.60 -20.73
N ARG D 85 7.42 -9.39 -19.75
CA ARG D 85 8.85 -9.23 -20.00
C ARG D 85 9.54 -10.37 -19.29
N PRO D 86 9.98 -11.39 -20.04
CA PRO D 86 10.69 -12.50 -19.40
C PRO D 86 11.81 -12.20 -18.50
N PRO D 87 12.65 -11.17 -18.82
CA PRO D 87 13.63 -10.96 -17.81
C PRO D 87 13.06 -10.44 -16.43
N MET D 88 11.94 -9.72 -16.46
CA MET D 88 11.32 -9.22 -15.22
C MET D 88 10.45 -10.28 -14.55
N GLY D 89 10.12 -11.35 -15.26
CA GLY D 89 9.15 -12.29 -14.66
C GLY D 89 7.76 -11.74 -14.51
N GLY D 90 7.37 -10.70 -15.25
CA GLY D 90 6.09 -10.13 -14.98
C GLY D 90 5.81 -9.13 -16.01
N TYR D 91 4.68 -8.48 -15.88
CA TYR D 91 4.17 -7.59 -16.86
C TYR D 91 4.75 -6.16 -16.55
N CYS D 92 5.00 -5.37 -17.64
CA CYS D 92 5.59 -4.11 -17.57
C CYS D 92 4.81 -3.11 -18.35
N ILE D 93 4.77 -1.88 -17.87
CA ILE D 93 4.09 -0.80 -18.56
C ILE D 93 5.20 0.11 -19.08
N GLU D 94 5.24 0.27 -20.41
CA GLU D 94 6.36 0.96 -21.09
C GLU D 94 5.84 1.83 -22.18
N PHE D 95 6.72 2.68 -22.69
CA PHE D 95 6.44 3.42 -23.88
C PHE D 95 6.57 2.34 -24.96
N PRO D 96 5.80 2.48 -26.02
CA PRO D 96 5.99 1.48 -27.15
C PRO D 96 7.44 1.54 -27.63
N ALA D 97 7.96 0.41 -28.05
CA ALA D 97 9.41 0.39 -28.33
C ALA D 97 9.74 -0.78 -29.17
N GLY D 98 10.87 -0.70 -29.86
CA GLY D 98 11.39 -1.91 -30.58
C GLY D 98 12.79 -1.66 -31.06
N LEU D 99 13.45 -2.76 -31.50
CA LEU D 99 14.75 -2.60 -32.20
C LEU D 99 14.62 -1.96 -33.55
N ILE D 100 15.64 -1.23 -33.95
CA ILE D 100 15.66 -0.61 -35.25
C ILE D 100 16.11 -1.74 -36.19
N ASP D 101 15.43 -1.81 -37.33
CA ASP D 101 15.72 -2.82 -38.40
C ASP D 101 16.95 -2.31 -39.20
N ASP D 102 17.70 -3.20 -39.87
CA ASP D 102 18.86 -2.71 -40.72
C ASP D 102 18.44 -1.73 -41.82
N GLY D 103 19.11 -0.58 -41.94
CA GLY D 103 18.81 0.41 -43.01
C GLY D 103 17.81 1.50 -42.67
N GLU D 104 16.72 1.08 -42.01
CA GLU D 104 15.65 1.91 -41.42
C GLU D 104 16.11 2.99 -40.43
N THR D 105 15.58 4.18 -40.62
CA THR D 105 15.93 5.31 -39.79
C THR D 105 15.21 5.17 -38.40
N PRO D 106 15.71 5.87 -37.35
CA PRO D 106 14.94 5.87 -36.07
C PRO D 106 13.48 6.40 -36.19
N GLU D 107 13.28 7.50 -36.89
CA GLU D 107 11.95 8.06 -37.09
C GLU D 107 11.04 7.03 -37.72
N ALA D 108 11.48 6.34 -38.78
CA ALA D 108 10.60 5.40 -39.46
C ALA D 108 10.42 4.22 -38.54
N ALA D 109 11.46 3.85 -37.77
CA ALA D 109 11.27 2.72 -36.83
C ALA D 109 10.22 3.08 -35.73
N ALA D 110 10.25 4.34 -35.29
CA ALA D 110 9.29 4.79 -34.28
C ALA D 110 7.86 4.68 -34.87
N LEU D 111 7.64 5.29 -36.04
CA LEU D 111 6.26 5.23 -36.61
C LEU D 111 5.80 3.78 -36.85
N ARG D 112 6.72 2.91 -37.27
CA ARG D 112 6.35 1.53 -37.52
C ARG D 112 6.01 0.82 -36.25
N GLU D 113 6.90 0.90 -35.28
CA GLU D 113 6.67 0.26 -33.97
C GLU D 113 5.41 0.82 -33.25
N LEU D 114 5.17 2.11 -33.35
CA LEU D 114 3.92 2.65 -32.71
C LEU D 114 2.68 2.01 -33.37
N GLU D 115 2.66 2.01 -34.72
CA GLU D 115 1.57 1.34 -35.47
C GLU D 115 1.44 -0.17 -35.18
N GLU D 116 2.55 -0.90 -35.18
CA GLU D 116 2.46 -2.30 -34.79
C GLU D 116 1.93 -2.53 -33.40
N GLU D 117 2.43 -1.79 -32.42
CA GLU D 117 2.11 -2.11 -31.03
C GLU D 117 0.79 -1.47 -30.56
N THR D 118 0.38 -0.41 -31.23
CA THR D 118 -0.85 0.30 -30.85
C THR D 118 -1.94 0.49 -31.91
N GLY D 119 -1.62 0.43 -33.18
CA GLY D 119 -2.57 0.73 -34.25
C GLY D 119 -2.45 2.17 -34.72
N TYR D 120 -1.97 3.09 -33.86
CA TYR D 120 -1.95 4.51 -34.27
C TYR D 120 -0.94 4.88 -35.33
N LYS D 121 -1.27 5.88 -36.14
CA LYS D 121 -0.49 6.46 -37.19
C LYS D 121 -0.08 7.84 -36.74
N GLY D 122 1.20 7.92 -36.35
CA GLY D 122 1.75 9.08 -35.73
C GLY D 122 2.34 10.05 -36.69
N ASP D 123 2.63 11.22 -36.17
CA ASP D 123 3.39 12.24 -36.84
C ASP D 123 4.65 12.47 -35.98
N ILE D 124 5.82 12.52 -36.60
CA ILE D 124 7.05 12.83 -35.86
C ILE D 124 7.09 14.26 -35.32
N ALA D 125 7.31 14.41 -34.01
CA ALA D 125 7.44 15.72 -33.37
C ALA D 125 8.93 16.03 -33.13
N GLU D 126 9.70 15.06 -32.61
CA GLU D 126 11.18 15.26 -32.37
C GLU D 126 11.85 13.90 -32.13
N CYS D 127 13.18 13.87 -32.26
CA CYS D 127 13.90 12.59 -32.06
C CYS D 127 15.20 12.84 -31.31
N SER D 128 15.41 12.11 -30.22
CA SER D 128 16.63 12.29 -29.42
C SER D 128 17.84 11.72 -30.16
N PRO D 129 19.04 12.13 -29.73
CA PRO D 129 20.20 11.37 -30.06
C PRO D 129 20.19 10.07 -29.30
N ALA D 130 21.14 9.21 -29.56
CA ALA D 130 21.18 7.96 -28.88
C ALA D 130 21.47 8.17 -27.37
N VAL D 131 20.60 7.56 -26.54
CA VAL D 131 20.66 7.74 -25.08
C VAL D 131 20.83 6.37 -24.43
N CYS D 132 21.52 6.33 -23.30
CA CYS D 132 21.93 5.08 -22.75
C CYS D 132 20.86 4.54 -21.78
N MET D 133 20.66 3.26 -21.86
CA MET D 133 19.68 2.55 -20.99
C MET D 133 20.07 2.24 -19.57
N ASP D 134 21.31 1.80 -19.34
CA ASP D 134 21.82 1.48 -18.04
C ASP D 134 23.35 1.42 -18.12
N PRO D 135 24.03 2.59 -18.04
CA PRO D 135 25.35 2.66 -18.59
C PRO D 135 26.38 2.03 -17.68
N GLY D 136 26.11 1.91 -16.37
CA GLY D 136 26.93 1.13 -15.47
C GLY D 136 26.80 -0.39 -15.71
N LEU D 137 25.90 -0.81 -16.62
CA LEU D 137 25.69 -2.22 -16.90
C LEU D 137 25.95 -2.62 -18.32
N SER D 138 25.29 -1.99 -19.29
CA SER D 138 25.27 -2.40 -20.69
C SER D 138 25.62 -1.22 -21.59
N ASN D 139 25.84 -1.49 -22.88
CA ASN D 139 26.14 -0.40 -23.80
C ASN D 139 24.90 -0.03 -24.49
N CYS D 140 23.74 -0.53 -24.06
CA CYS D 140 22.55 -0.39 -24.88
C CYS D 140 22.09 1.07 -24.93
N THR D 141 21.61 1.48 -26.12
CA THR D 141 21.11 2.81 -26.35
C THR D 141 19.81 2.75 -27.16
N ILE D 142 19.05 3.83 -27.07
CA ILE D 142 17.89 4.05 -27.92
C ILE D 142 17.82 5.45 -28.38
N HIS D 143 16.95 5.68 -29.33
CA HIS D 143 16.49 7.05 -29.59
C HIS D 143 15.11 7.16 -28.97
N ILE D 144 14.87 8.23 -28.24
CA ILE D 144 13.49 8.52 -27.76
C ILE D 144 12.86 9.43 -28.79
N VAL D 145 11.70 8.98 -29.32
CA VAL D 145 11.05 9.66 -30.39
C VAL D 145 9.68 10.11 -29.91
N THR D 146 9.46 11.42 -29.88
CA THR D 146 8.16 11.98 -29.43
C THR D 146 7.26 12.03 -30.71
N VAL D 147 6.02 11.58 -30.63
CA VAL D 147 5.13 11.34 -31.81
C VAL D 147 3.71 11.82 -31.48
N THR D 148 3.17 12.75 -32.26
CA THR D 148 1.80 13.23 -32.01
C THR D 148 0.82 12.37 -32.82
N ILE D 149 -0.35 12.08 -32.27
CA ILE D 149 -1.32 11.21 -32.93
C ILE D 149 -2.51 12.10 -33.12
N ASN D 150 -2.98 12.26 -34.37
CA ASN D 150 -4.10 13.19 -34.67
C ASN D 150 -5.32 12.35 -34.51
N GLY D 151 -5.88 12.32 -33.28
CA GLY D 151 -7.01 11.45 -32.99
C GLY D 151 -8.31 11.93 -33.67
N ASP D 152 -8.31 13.10 -34.30
CA ASP D 152 -9.46 13.59 -35.13
C ASP D 152 -9.38 13.11 -36.60
N ASP D 153 -8.40 12.26 -36.91
CA ASP D 153 -8.29 11.66 -38.23
C ASP D 153 -8.95 10.30 -38.16
N ALA D 154 -9.65 9.94 -39.24
CA ALA D 154 -10.44 8.71 -39.30
C ALA D 154 -9.55 7.47 -39.14
N GLU D 155 -8.34 7.57 -39.68
CA GLU D 155 -7.39 6.46 -39.62
C GLU D 155 -7.05 6.09 -38.17
N ASN D 156 -7.15 7.08 -37.27
CA ASN D 156 -6.97 6.89 -35.81
C ASN D 156 -8.27 6.83 -34.98
N ALA D 157 -9.42 6.69 -35.62
CA ALA D 157 -10.71 6.70 -34.88
C ALA D 157 -10.80 5.57 -33.85
N ARG D 158 -10.36 4.38 -34.27
CA ARG D 158 -10.39 3.19 -33.40
C ARG D 158 -9.45 2.15 -33.98
N PRO D 159 -8.16 2.49 -34.10
CA PRO D 159 -7.23 1.50 -34.68
C PRO D 159 -6.96 0.38 -33.67
N LYS D 160 -6.47 -0.76 -34.19
CA LYS D 160 -6.09 -1.96 -33.41
C LYS D 160 -4.68 -2.39 -33.84
N PRO D 161 -3.91 -3.03 -32.94
CA PRO D 161 -2.48 -3.34 -33.17
C PRO D 161 -2.25 -4.25 -34.40
N LYS D 162 -0.98 -4.47 -34.80
CA LYS D 162 -0.63 -5.59 -35.69
C LYS D 162 0.65 -6.30 -35.16
N PRO D 163 0.47 -7.24 -34.23
CA PRO D 163 1.66 -7.89 -33.68
C PRO D 163 2.40 -8.81 -34.66
N GLY D 164 3.72 -8.94 -34.45
CA GLY D 164 4.48 -10.06 -34.99
C GLY D 164 4.19 -11.33 -34.20
N ASP D 165 4.82 -12.44 -34.61
CA ASP D 165 4.65 -13.74 -33.94
C ASP D 165 5.34 -13.55 -32.61
N GLY D 166 4.81 -14.17 -31.57
CA GLY D 166 5.35 -13.99 -30.23
C GLY D 166 5.28 -12.60 -29.59
N GLU D 167 4.57 -11.64 -30.20
CA GLU D 167 4.37 -10.29 -29.61
C GLU D 167 2.94 -10.18 -29.12
N PHE D 168 2.77 -9.82 -27.84
CA PHE D 168 1.44 -9.79 -27.17
C PHE D 168 1.42 -8.52 -26.32
N VAL D 169 0.69 -7.50 -26.77
CA VAL D 169 0.79 -6.15 -26.16
C VAL D 169 -0.60 -5.55 -25.94
N GLU D 170 -0.90 -5.08 -24.71
CA GLU D 170 -2.12 -4.31 -24.41
C GLU D 170 -1.80 -2.83 -24.53
N VAL D 171 -2.64 -2.06 -25.20
CA VAL D 171 -2.54 -0.61 -25.24
C VAL D 171 -3.17 -0.07 -23.94
N ILE D 172 -2.50 0.90 -23.31
CA ILE D 172 -3.02 1.58 -22.07
C ILE D 172 -2.86 3.03 -22.30
N SER D 173 -3.97 3.73 -22.50
CA SER D 173 -3.93 5.16 -22.80
C SER D 173 -4.25 5.88 -21.49
N LEU D 174 -3.36 6.74 -21.01
CA LEU D 174 -3.59 7.46 -19.71
C LEU D 174 -3.58 8.92 -19.91
N PRO D 175 -4.36 9.62 -19.08
CA PRO D 175 -4.37 11.06 -19.25
C PRO D 175 -2.99 11.61 -18.91
N LYS D 176 -2.49 12.41 -19.79
CA LYS D 176 -1.22 13.09 -19.58
C LYS D 176 -1.24 13.90 -18.20
N ASN D 177 -2.34 14.58 -18.00
CA ASN D 177 -2.57 15.47 -16.88
C ASN D 177 -2.54 14.79 -15.51
N ASP D 178 -2.65 13.48 -15.44
CA ASP D 178 -2.59 12.85 -14.19
C ASP D 178 -1.76 11.64 -14.27
N LEU D 179 -0.74 11.67 -15.12
CA LEU D 179 -0.03 10.43 -15.39
C LEU D 179 0.64 9.75 -14.24
N LEU D 180 1.31 10.52 -13.37
CA LEU D 180 2.04 9.92 -12.31
C LEU D 180 1.11 9.19 -11.32
N GLN D 181 -0.04 9.84 -10.98
CA GLN D 181 -1.01 9.26 -10.01
C GLN D 181 -1.59 7.97 -10.61
N ARG D 182 -1.93 8.04 -11.89
CA ARG D 182 -2.48 6.85 -12.55
C ARG D 182 -1.51 5.72 -12.55
N LEU D 183 -0.25 6.01 -12.81
CA LEU D 183 0.80 5.01 -12.61
C LEU D 183 0.95 4.49 -11.28
N ASP D 184 0.97 5.35 -10.26
CA ASP D 184 1.15 4.85 -8.90
C ASP D 184 -0.06 3.96 -8.50
N ALA D 185 -1.26 4.29 -9.00
CA ALA D 185 -2.49 3.57 -8.68
C ALA D 185 -2.43 2.15 -9.27
N LEU D 186 -1.94 2.06 -10.51
CA LEU D 186 -1.75 0.76 -11.18
C LEU D 186 -0.83 -0.11 -10.35
N VAL D 187 0.27 0.44 -9.90
CA VAL D 187 1.25 -0.26 -9.11
C VAL D 187 0.76 -0.71 -7.74
N ALA D 188 -0.15 0.06 -7.13
CA ALA D 188 -0.68 -0.27 -5.80
C ALA D 188 -1.67 -1.48 -5.88
N GLU D 189 -2.27 -1.61 -7.06
CA GLU D 189 -3.42 -2.51 -7.32
C GLU D 189 -3.05 -3.76 -8.08
N GLU D 190 -2.07 -3.69 -9.00
CA GLU D 190 -1.78 -4.82 -9.94
C GLU D 190 -0.30 -5.29 -9.91
N HIS D 191 -0.12 -6.57 -10.32
CA HIS D 191 1.14 -7.24 -10.33
C HIS D 191 1.75 -6.71 -11.63
N LEU D 192 2.44 -5.59 -11.52
CA LEU D 192 3.12 -5.09 -12.72
C LEU D 192 4.22 -4.11 -12.27
N THR D 193 5.10 -3.78 -13.19
CA THR D 193 6.21 -2.79 -13.00
C THR D 193 6.15 -1.69 -14.05
N VAL D 194 6.40 -0.46 -13.59
CA VAL D 194 6.40 0.65 -14.49
C VAL D 194 7.87 0.82 -14.87
N ASP D 195 8.07 1.23 -16.09
CA ASP D 195 9.41 1.47 -16.57
C ASP D 195 9.91 2.77 -16.00
N ALA D 196 11.20 2.80 -15.80
CA ALA D 196 11.91 4.01 -15.28
C ALA D 196 11.82 5.24 -16.16
N ARG D 197 11.77 5.06 -17.47
N ARG D 197 11.89 5.05 -17.50
CA ARG D 197 11.69 6.19 -18.38
CA ARG D 197 11.68 6.17 -18.48
C ARG D 197 10.27 6.73 -18.42
C ARG D 197 10.29 6.74 -18.29
N VAL D 198 9.26 5.85 -18.30
CA VAL D 198 7.88 6.32 -18.18
C VAL D 198 7.66 7.09 -16.83
N TYR D 199 8.22 6.57 -15.78
CA TYR D 199 8.11 7.16 -14.48
C TYR D 199 8.86 8.50 -14.37
N SER D 200 10.02 8.59 -14.98
CA SER D 200 10.74 9.87 -15.01
C SER D 200 9.99 10.85 -15.77
N TYR D 201 9.37 10.45 -16.92
CA TYR D 201 8.53 11.35 -17.76
C TYR D 201 7.40 11.89 -16.85
N ALA D 202 6.67 10.94 -16.23
CA ALA D 202 5.55 11.25 -15.35
C ALA D 202 5.93 12.25 -14.19
N LEU D 203 7.04 11.97 -13.52
CA LEU D 203 7.63 12.87 -12.53
C LEU D 203 7.85 14.26 -12.97
N ALA D 204 8.54 14.37 -14.07
CA ALA D 204 8.77 15.68 -14.67
C ALA D 204 7.50 16.48 -15.08
N LEU D 205 6.41 15.78 -15.46
CA LEU D 205 5.17 16.52 -15.74
C LEU D 205 4.63 17.26 -14.50
N LYS D 206 4.92 16.72 -13.34
CA LYS D 206 4.58 17.33 -12.09
C LYS D 206 5.60 18.32 -11.66
N HIS D 207 6.87 18.00 -11.86
CA HIS D 207 7.94 18.96 -11.49
C HIS D 207 8.13 20.24 -12.27
N ALA D 208 7.64 20.24 -13.50
CA ALA D 208 7.64 21.39 -14.38
C ALA D 208 7.02 22.58 -13.75
N ASN D 209 7.62 23.75 -14.02
CA ASN D 209 7.25 25.03 -13.31
C ASN D 209 7.54 25.00 -11.79
#